data_7MSG
#
_entry.id   7MSG
#
_cell.length_a   214.689
_cell.length_b   214.689
_cell.length_c   214.689
_cell.angle_alpha   90.000
_cell.angle_beta   90.000
_cell.angle_gamma   90.000
#
_symmetry.space_group_name_H-M   'I 2 3'
#
loop_
_entity.id
_entity.type
_entity.pdbx_description
1 polymer 'Tumor necrosis factor ligand superfamily member 14, membrane form'
2 polymer 'CD160 antigen, soluble form,Tumor necrosis factor receptor superfamily member 14'
3 branched 2-acetamido-2-deoxy-beta-D-glucopyranose-(1-4)-2-acetamido-2-deoxy-beta-D-glucopyranose
4 branched beta-D-mannopyranose-(1-4)-2-acetamido-2-deoxy-beta-D-glucopyranose-(1-4)-2-acetamido-2-deoxy-beta-D-glucopyranose
#
loop_
_entity_poly.entity_id
_entity_poly.type
_entity_poly.pdbx_seq_one_letter_code
_entity_poly.pdbx_strand_id
1 'polypeptide(L)'
;HHHHHHGLIQERRSHEVNPAAHLTGANSSLTGSGGPLLWETQLGLAFLRGLSYHDGALVVTKAGYYYIYSKVQLGGVGCP
LGLASTITHGLYKRTPRYPEELELLVSQQSPCGRATSSSRVWWDSSFLGGVVHLEAGEEVVVRVLDERLVRLRDGTRSYF
GAFMV
;
A,B,C
2 'polypeptide(L)'
;INITSSASQEGTRLNLICTVWHKKEEAEGFVVFLCKDRSGDCSPETSLKQLRLKRDPGIDGVGEISSQLMFTISQVTPLH
SGTYQCCARSQKSGIRLQGHFFSILFTETGNYTVTGLKGGGGSGGGGSGGGGSGGGGSLPSCKEDEYPVGSECCPKCSPG
YRVKEACGELTGTVCEPCPPGTYIAHLNGLSKCLQCQMCDPAMGLRASRNCSRTENAVCGCSPGHFCIVQDGDHCAACRA
YATGHHHHHH
;
D,E,F
#
# COMPACT_ATOMS: atom_id res chain seq x y z
N VAL A 17 -0.17 18.71 3.64
CA VAL A 17 -0.50 18.21 2.25
C VAL A 17 0.43 17.03 1.95
N ASN A 18 0.03 15.82 2.34
CA ASN A 18 0.85 14.59 2.24
C ASN A 18 1.15 14.28 0.78
N PRO A 19 2.44 14.30 0.36
CA PRO A 19 2.82 13.92 -1.00
C PRO A 19 2.20 12.59 -1.46
N ALA A 20 1.53 12.60 -2.61
CA ALA A 20 0.90 11.41 -3.23
C ALA A 20 0.95 11.55 -4.76
N ALA A 21 0.89 10.43 -5.48
CA ALA A 21 0.89 10.40 -6.96
C ALA A 21 0.48 9.01 -7.47
N HIS A 22 -0.13 8.98 -8.66
CA HIS A 22 -0.52 7.75 -9.39
C HIS A 22 -0.42 8.05 -10.88
N LEU A 23 0.51 7.41 -11.59
CA LEU A 23 0.78 7.66 -13.04
C LEU A 23 0.41 6.41 -13.84
N THR A 24 -0.03 6.59 -15.08
CA THR A 24 -0.69 5.54 -15.92
C THR A 24 0.08 5.35 -17.24
N GLY A 25 0.03 4.13 -17.78
CA GLY A 25 0.70 3.74 -19.05
C GLY A 25 0.21 4.58 -20.21
N ALA A 26 1.12 4.93 -21.14
CA ALA A 26 0.88 5.88 -22.26
C ALA A 26 1.45 5.31 -23.57
N ASN A 27 1.24 6.01 -24.69
CA ASN A 27 1.68 5.55 -26.04
C ASN A 27 3.21 5.68 -26.18
N SER A 28 3.84 6.51 -25.33
CA SER A 28 5.30 6.77 -25.32
C SER A 28 5.99 5.98 -24.19
N SER A 29 5.22 5.16 -23.45
CA SER A 29 5.71 4.34 -22.30
C SER A 29 6.91 3.50 -22.72
N LEU A 30 6.80 2.82 -23.87
CA LEU A 30 7.81 1.86 -24.37
C LEU A 30 8.80 2.57 -25.29
N THR A 31 9.71 3.37 -24.71
CA THR A 31 10.89 3.94 -25.44
C THR A 31 11.66 2.76 -26.05
N GLY A 32 11.96 1.75 -25.23
CA GLY A 32 12.59 0.48 -25.62
C GLY A 32 14.01 0.67 -26.15
N SER A 33 14.67 1.75 -25.71
CA SER A 33 16.06 2.11 -26.09
C SER A 33 16.97 2.02 -24.86
N GLY A 34 16.64 1.10 -23.94
CA GLY A 34 17.24 1.01 -22.60
C GLY A 34 16.82 2.16 -21.71
N GLY A 35 15.72 2.85 -22.08
CA GLY A 35 15.13 3.94 -21.29
C GLY A 35 14.09 3.41 -20.32
N PRO A 36 13.89 4.04 -19.14
CA PRO A 36 12.90 3.58 -18.17
C PRO A 36 11.48 3.84 -18.70
N LEU A 37 10.50 3.09 -18.23
CA LEU A 37 9.07 3.25 -18.61
C LEU A 37 8.66 4.71 -18.34
N LEU A 38 8.01 5.34 -19.32
CA LEU A 38 7.39 6.69 -19.21
C LEU A 38 5.93 6.53 -18.82
N TRP A 39 5.34 7.58 -18.26
CA TRP A 39 3.97 7.55 -17.64
C TRP A 39 3.22 8.85 -17.96
N GLU A 40 1.89 8.78 -17.94
CA GLU A 40 0.97 9.94 -18.04
C GLU A 40 0.74 10.49 -16.63
N THR A 41 0.56 11.82 -16.48
CA THR A 41 0.51 12.51 -15.16
C THR A 41 -0.78 13.31 -14.93
N GLN A 42 -1.47 13.72 -16.00
CA GLN A 42 -2.62 14.66 -15.90
C GLN A 42 -3.91 13.99 -16.41
N LEU A 43 -3.83 13.16 -17.44
CA LEU A 43 -5.03 12.62 -18.15
C LEU A 43 -5.66 11.48 -17.34
N GLY A 44 -6.99 11.45 -17.32
CA GLY A 44 -7.81 10.44 -16.62
C GLY A 44 -7.38 10.27 -15.18
N LEU A 45 -6.99 9.05 -14.80
CA LEU A 45 -6.77 8.61 -13.39
C LEU A 45 -5.42 9.13 -12.88
N ALA A 46 -4.53 9.57 -13.77
CA ALA A 46 -3.18 10.06 -13.41
C ALA A 46 -3.29 11.35 -12.60
N PHE A 47 -2.36 11.57 -11.66
CA PHE A 47 -2.29 12.78 -10.81
C PHE A 47 -0.92 12.87 -10.12
N LEU A 48 -0.52 14.10 -9.77
CA LEU A 48 0.64 14.42 -8.89
C LEU A 48 0.16 15.33 -7.75
N ARG A 49 0.62 15.08 -6.53
CA ARG A 49 0.41 15.98 -5.36
C ARG A 49 1.70 16.07 -4.54
N GLY A 50 2.37 17.22 -4.59
CA GLY A 50 3.64 17.49 -3.87
C GLY A 50 4.77 16.61 -4.37
N LEU A 51 4.69 16.16 -5.63
CA LEU A 51 5.72 15.34 -6.32
C LEU A 51 5.84 15.81 -7.78
N SER A 52 7.06 16.05 -8.25
CA SER A 52 7.35 16.42 -9.66
C SER A 52 7.55 15.17 -10.50
N TYR A 53 7.54 15.33 -11.83
CA TYR A 53 7.80 14.24 -12.81
C TYR A 53 8.79 14.71 -13.89
N HIS A 54 9.85 13.94 -14.12
CA HIS A 54 10.90 14.21 -15.14
C HIS A 54 11.36 12.89 -15.80
N ASP A 55 11.11 12.75 -17.11
CA ASP A 55 11.65 11.68 -18.01
C ASP A 55 11.50 10.30 -17.36
N GLY A 56 10.25 9.87 -17.14
CA GLY A 56 9.89 8.53 -16.64
C GLY A 56 9.99 8.38 -15.13
N ALA A 57 10.34 9.44 -14.39
CA ALA A 57 10.71 9.35 -12.96
C ALA A 57 9.81 10.24 -12.09
N LEU A 58 9.24 9.68 -11.02
CA LEU A 58 8.74 10.47 -9.85
C LEU A 58 9.94 11.21 -9.24
N VAL A 59 9.77 12.49 -8.94
CA VAL A 59 10.83 13.40 -8.42
C VAL A 59 10.39 13.92 -7.05
N VAL A 60 11.12 13.59 -5.98
CA VAL A 60 10.73 13.94 -4.58
C VAL A 60 10.97 15.43 -4.36
N THR A 61 9.96 16.10 -3.79
CA THR A 61 10.01 17.51 -3.30
C THR A 61 10.35 17.47 -1.82
N LYS A 62 9.44 16.90 -1.02
CA LYS A 62 9.58 16.76 0.46
C LYS A 62 10.26 15.42 0.75
N ALA A 63 11.49 15.46 1.28
CA ALA A 63 12.29 14.27 1.66
C ALA A 63 11.58 13.48 2.74
N GLY A 64 11.80 12.16 2.79
CA GLY A 64 11.24 11.28 3.82
C GLY A 64 10.93 9.89 3.32
N TYR A 65 10.05 9.18 4.03
CA TYR A 65 9.68 7.76 3.78
C TYR A 65 8.41 7.69 2.93
N TYR A 66 8.50 7.05 1.77
CA TYR A 66 7.38 6.86 0.80
C TYR A 66 7.12 5.37 0.59
N TYR A 67 5.86 4.95 0.78
CA TYR A 67 5.33 3.72 0.14
C TYR A 67 5.26 3.99 -1.37
N ILE A 68 6.02 3.23 -2.14
CA ILE A 68 6.05 3.29 -3.64
C ILE A 68 5.46 1.98 -4.15
N TYR A 69 4.86 2.01 -5.35
CA TYR A 69 4.22 0.83 -5.98
C TYR A 69 4.25 0.94 -7.50
N SER A 70 4.03 -0.19 -8.16
CA SER A 70 3.85 -0.29 -9.64
C SER A 70 3.18 -1.61 -9.98
N LYS A 71 2.14 -1.55 -10.81
CA LYS A 71 1.58 -2.73 -11.52
C LYS A 71 1.98 -2.61 -13.00
N VAL A 72 2.26 -3.73 -13.66
CA VAL A 72 2.43 -3.79 -15.14
C VAL A 72 1.63 -4.99 -15.65
N GLN A 73 0.79 -4.76 -16.65
CA GLN A 73 0.06 -5.83 -17.38
C GLN A 73 1.02 -6.42 -18.42
N LEU A 74 1.24 -7.73 -18.34
CA LEU A 74 2.08 -8.48 -19.32
C LEU A 74 1.18 -9.47 -20.05
N GLY A 75 1.62 -9.92 -21.23
CA GLY A 75 0.89 -10.89 -22.07
C GLY A 75 1.47 -10.94 -23.46
N GLY A 76 0.79 -11.64 -24.37
CA GLY A 76 1.18 -11.72 -25.80
C GLY A 76 0.66 -12.99 -26.45
N VAL A 77 0.95 -13.15 -27.74
CA VAL A 77 0.66 -14.39 -28.52
C VAL A 77 1.91 -15.28 -28.46
N GLY A 78 2.00 -16.10 -27.41
CA GLY A 78 3.11 -17.06 -27.22
C GLY A 78 4.35 -16.39 -26.64
N CYS A 79 5.53 -16.96 -26.90
CA CYS A 79 6.77 -16.72 -26.11
C CYS A 79 7.98 -16.50 -27.02
N PRO A 80 8.76 -15.42 -26.81
CA PRO A 80 10.11 -15.29 -27.37
C PRO A 80 11.21 -15.71 -26.37
N ALA A 84 14.29 -15.02 -23.50
CA ALA A 84 14.36 -15.10 -22.02
C ALA A 84 12.93 -15.11 -21.44
N SER A 85 12.52 -16.24 -20.86
CA SER A 85 11.23 -16.42 -20.13
C SER A 85 11.28 -15.64 -18.81
N THR A 86 12.45 -15.62 -18.15
CA THR A 86 12.75 -14.78 -16.97
C THR A 86 12.53 -13.31 -17.35
N ILE A 87 11.64 -12.62 -16.64
CA ILE A 87 11.25 -11.20 -16.92
C ILE A 87 11.26 -10.41 -15.61
N THR A 88 12.03 -9.31 -15.59
CA THR A 88 12.32 -8.48 -14.39
C THR A 88 11.45 -7.21 -14.43
N HIS A 89 10.69 -6.97 -13.37
CA HIS A 89 9.90 -5.73 -13.14
C HIS A 89 10.32 -5.14 -11.79
N GLY A 90 10.85 -3.92 -11.78
CA GLY A 90 11.51 -3.34 -10.60
C GLY A 90 11.32 -1.84 -10.45
N LEU A 91 11.57 -1.33 -9.25
CA LEU A 91 11.57 0.11 -8.90
C LEU A 91 13.00 0.51 -8.54
N TYR A 92 13.49 1.61 -9.12
CA TYR A 92 14.93 1.99 -9.12
C TYR A 92 15.07 3.43 -8.63
N LYS A 93 16.05 3.67 -7.76
CA LYS A 93 16.42 5.04 -7.28
C LYS A 93 17.52 5.59 -8.19
N ARG A 94 17.30 6.77 -8.76
CA ARG A 94 18.37 7.66 -9.29
C ARG A 94 18.68 8.71 -8.23
N THR A 95 19.94 9.08 -8.09
CA THR A 95 20.40 10.08 -7.07
C THR A 95 21.75 10.63 -7.47
N PRO A 96 22.07 11.90 -7.13
CA PRO A 96 23.42 12.44 -7.30
C PRO A 96 24.42 11.81 -6.30
N ARG A 97 23.90 11.08 -5.30
CA ARG A 97 24.68 10.46 -4.21
C ARG A 97 25.34 9.16 -4.67
N TYR A 98 25.05 8.69 -5.88
CA TYR A 98 25.62 7.46 -6.49
C TYR A 98 25.50 7.54 -8.01
N PRO A 99 26.54 7.18 -8.78
CA PRO A 99 26.50 7.31 -10.24
C PRO A 99 25.64 6.25 -10.97
N GLU A 100 25.43 5.08 -10.35
CA GLU A 100 24.55 4.01 -10.90
C GLU A 100 23.13 4.19 -10.35
N GLU A 101 22.16 3.51 -10.98
CA GLU A 101 20.79 3.33 -10.44
C GLU A 101 20.86 2.35 -9.27
N LEU A 102 19.95 2.48 -8.29
CA LEU A 102 19.87 1.59 -7.11
C LEU A 102 18.54 0.83 -7.12
N GLU A 103 18.60 -0.50 -7.26
CA GLU A 103 17.42 -1.40 -7.13
C GLU A 103 16.78 -1.18 -5.74
N LEU A 104 15.47 -1.00 -5.70
CA LEU A 104 14.68 -0.84 -4.44
C LEU A 104 13.79 -2.06 -4.23
N LEU A 105 12.87 -2.29 -5.17
CA LEU A 105 11.86 -3.39 -5.14
C LEU A 105 11.79 -4.01 -6.53
N VAL A 106 12.01 -5.33 -6.64
CA VAL A 106 12.16 -6.04 -7.96
C VAL A 106 11.54 -7.43 -7.87
N SER A 107 10.87 -7.86 -8.94
CA SER A 107 10.27 -9.21 -9.11
C SER A 107 10.82 -9.88 -10.37
N GLN A 108 10.93 -11.21 -10.35
CA GLN A 108 11.25 -12.06 -11.53
C GLN A 108 10.09 -13.03 -11.77
N GLN A 109 9.45 -12.94 -12.93
CA GLN A 109 8.35 -13.84 -13.37
C GLN A 109 8.88 -14.76 -14.48
N SER A 110 8.09 -15.74 -14.90
CA SER A 110 8.31 -16.56 -16.13
C SER A 110 6.99 -17.19 -16.57
N PRO A 111 6.04 -16.38 -17.10
CA PRO A 111 4.70 -16.86 -17.41
C PRO A 111 4.56 -17.77 -18.64
N CYS A 112 5.40 -17.58 -19.68
CA CYS A 112 5.45 -18.45 -20.89
C CYS A 112 6.79 -19.19 -20.94
N SER A 117 4.12 -24.25 -27.39
CA SER A 117 4.39 -23.42 -28.60
C SER A 117 3.78 -22.02 -28.41
N SER A 118 3.81 -21.19 -29.46
CA SER A 118 3.31 -19.78 -29.46
C SER A 118 1.86 -19.71 -30.00
N SER A 119 1.15 -20.84 -29.99
CA SER A 119 -0.24 -20.98 -30.51
C SER A 119 -1.25 -20.36 -29.53
N ARG A 120 -0.86 -20.20 -28.26
CA ARG A 120 -1.77 -19.82 -27.14
C ARG A 120 -1.46 -18.41 -26.64
N VAL A 121 -2.51 -17.63 -26.40
CA VAL A 121 -2.46 -16.25 -25.82
C VAL A 121 -2.50 -16.37 -24.29
N TRP A 122 -1.84 -15.45 -23.59
CA TRP A 122 -1.65 -15.47 -22.11
C TRP A 122 -1.58 -14.04 -21.58
N TRP A 123 -1.99 -13.86 -20.32
CA TRP A 123 -1.86 -12.57 -19.58
C TRP A 123 -1.34 -12.86 -18.17
N ASP A 124 -0.45 -12.00 -17.66
CA ASP A 124 0.05 -12.05 -16.27
C ASP A 124 0.29 -10.62 -15.79
N SER A 125 -0.36 -10.23 -14.68
CA SER A 125 -0.11 -8.95 -13.97
C SER A 125 1.10 -9.14 -13.05
N SER A 126 1.91 -8.09 -12.88
CA SER A 126 3.07 -8.04 -11.95
C SER A 126 2.98 -6.78 -11.11
N PHE A 127 2.56 -6.92 -9.85
CA PHE A 127 2.45 -5.82 -8.85
C PHE A 127 3.59 -5.96 -7.83
N LEU A 128 4.17 -4.83 -7.42
CA LEU A 128 4.99 -4.74 -6.18
C LEU A 128 4.85 -3.36 -5.56
N GLY A 129 5.13 -3.27 -4.27
CA GLY A 129 5.15 -2.03 -3.48
C GLY A 129 6.02 -2.19 -2.23
N GLY A 130 6.37 -1.09 -1.58
CA GLY A 130 7.30 -1.11 -0.43
C GLY A 130 7.63 0.30 0.04
N VAL A 131 7.99 0.44 1.31
CA VAL A 131 8.39 1.75 1.90
C VAL A 131 9.91 1.89 1.74
N VAL A 132 10.33 2.94 1.03
CA VAL A 132 11.76 3.31 0.81
C VAL A 132 11.94 4.75 1.27
N HIS A 133 13.11 5.10 1.79
CA HIS A 133 13.48 6.50 2.15
C HIS A 133 14.01 7.20 0.89
N LEU A 134 13.54 8.42 0.65
CA LEU A 134 13.94 9.24 -0.52
C LEU A 134 14.31 10.65 -0.04
N GLU A 135 15.54 11.08 -0.33
CA GLU A 135 16.02 12.46 -0.06
C GLU A 135 15.47 13.40 -1.13
N ALA A 136 15.36 14.69 -0.82
CA ALA A 136 14.78 15.73 -1.70
C ALA A 136 15.60 15.80 -3.00
N GLY A 137 14.93 15.66 -4.15
CA GLY A 137 15.55 15.71 -5.48
C GLY A 137 15.86 14.33 -6.03
N GLU A 138 15.87 13.30 -5.18
CA GLU A 138 16.08 11.89 -5.59
C GLU A 138 14.90 11.46 -6.46
N GLU A 139 15.16 10.65 -7.49
CA GLU A 139 14.15 10.17 -8.47
C GLU A 139 13.85 8.70 -8.21
N VAL A 140 12.67 8.24 -8.66
CA VAL A 140 12.29 6.79 -8.72
C VAL A 140 11.73 6.52 -10.12
N VAL A 141 12.15 5.41 -10.74
CA VAL A 141 11.67 4.98 -12.09
C VAL A 141 11.23 3.52 -12.03
N VAL A 142 10.43 3.11 -13.02
CA VAL A 142 10.03 1.68 -13.24
C VAL A 142 10.78 1.17 -14.47
N ARG A 143 11.26 -0.08 -14.40
CA ARG A 143 11.87 -0.80 -15.54
C ARG A 143 11.27 -2.21 -15.61
N VAL A 144 10.67 -2.55 -16.75
CA VAL A 144 10.39 -3.96 -17.16
C VAL A 144 11.47 -4.35 -18.17
N LEU A 145 12.12 -5.50 -17.96
CA LEU A 145 13.43 -5.83 -18.61
C LEU A 145 13.22 -6.13 -20.10
N ASP A 146 12.14 -6.82 -20.47
CA ASP A 146 11.73 -6.94 -21.89
C ASP A 146 10.44 -6.15 -22.11
N GLU A 147 10.59 -4.86 -22.44
CA GLU A 147 9.50 -3.89 -22.70
C GLU A 147 8.49 -4.47 -23.70
N ARG A 148 8.95 -5.30 -24.62
CA ARG A 148 8.10 -5.95 -25.67
C ARG A 148 6.90 -6.66 -25.03
N LEU A 149 7.07 -7.22 -23.83
CA LEU A 149 6.03 -8.02 -23.12
C LEU A 149 5.02 -7.13 -22.38
N VAL A 150 5.30 -5.83 -22.26
CA VAL A 150 4.36 -4.85 -21.61
C VAL A 150 3.19 -4.63 -22.56
N ARG A 151 1.97 -4.94 -22.09
CA ARG A 151 0.71 -4.80 -22.87
C ARG A 151 -0.07 -3.61 -22.31
N LEU A 152 -0.02 -2.47 -23.02
CA LEU A 152 -0.72 -1.21 -22.64
C LEU A 152 -2.06 -1.17 -23.40
N ARG A 153 -3.17 -1.15 -22.65
CA ARG A 153 -4.55 -1.07 -23.20
C ARG A 153 -5.09 0.35 -22.92
N ASP A 154 -5.65 0.59 -21.73
CA ASP A 154 -6.25 1.91 -21.42
C ASP A 154 -5.48 2.60 -20.29
N GLY A 155 -4.39 2.01 -19.81
CA GLY A 155 -3.59 2.59 -18.71
C GLY A 155 -4.18 2.30 -17.33
N THR A 156 -5.23 1.50 -17.24
CA THR A 156 -5.80 1.02 -15.95
C THR A 156 -5.23 -0.38 -15.69
N ARG A 157 -4.37 -0.83 -16.61
CA ARG A 157 -3.70 -2.15 -16.61
C ARG A 157 -2.29 -2.01 -16.04
N SER A 158 -1.59 -0.91 -16.35
CA SER A 158 -0.20 -0.63 -15.93
C SER A 158 -0.12 0.76 -15.29
N TYR A 159 0.50 0.89 -14.12
CA TYR A 159 0.65 2.18 -13.39
C TYR A 159 1.86 2.17 -12.45
N PHE A 160 2.16 3.35 -11.92
CA PHE A 160 3.33 3.65 -11.05
C PHE A 160 3.03 4.91 -10.24
N GLY A 161 3.10 4.82 -8.92
CA GLY A 161 2.81 5.95 -8.01
C GLY A 161 3.44 5.73 -6.65
N ALA A 162 3.06 6.56 -5.67
CA ALA A 162 3.65 6.57 -4.32
C ALA A 162 2.89 7.55 -3.42
N PHE A 163 3.08 7.41 -2.11
CA PHE A 163 2.60 8.37 -1.08
C PHE A 163 3.50 8.28 0.15
N MET A 164 3.75 9.42 0.80
CA MET A 164 4.58 9.53 2.02
C MET A 164 3.85 8.82 3.17
N VAL A 165 4.60 8.15 4.05
CA VAL A 165 4.05 7.38 5.20
C VAL A 165 4.70 7.89 6.49
N VAL B 17 5.31 11.01 14.70
CA VAL B 17 6.30 10.08 14.08
C VAL B 17 5.57 8.77 13.74
N ASN B 18 4.97 8.70 12.55
CA ASN B 18 4.11 7.56 12.11
C ASN B 18 4.96 6.30 12.03
N PRO B 19 4.66 5.26 12.85
CA PRO B 19 5.34 3.97 12.75
C PRO B 19 5.42 3.42 11.32
N ALA B 20 6.63 3.10 10.87
CA ALA B 20 6.92 2.51 9.53
C ALA B 20 8.13 1.57 9.64
N ALA B 21 8.23 0.61 8.71
CA ALA B 21 9.34 -0.37 8.66
C ALA B 21 9.34 -1.11 7.32
N HIS B 22 10.53 -1.50 6.87
CA HIS B 22 10.79 -2.32 5.65
C HIS B 22 11.99 -3.22 5.94
N LEU B 23 11.79 -4.54 5.98
CA LEU B 23 12.85 -5.53 6.31
C LEU B 23 13.11 -6.41 5.09
N THR B 24 14.36 -6.85 4.91
CA THR B 24 14.88 -7.47 3.66
C THR B 24 15.42 -8.88 3.96
N GLY B 25 15.37 -9.78 2.96
CA GLY B 25 15.84 -11.18 3.06
C GLY B 25 17.33 -11.25 3.39
N ALA B 26 17.72 -12.21 4.22
CA ALA B 26 19.09 -12.36 4.76
C ALA B 26 19.55 -13.82 4.63
N ASN B 27 20.80 -14.11 5.01
CA ASN B 27 21.44 -15.46 4.90
C ASN B 27 20.84 -16.40 5.95
N SER B 28 20.25 -15.85 7.02
CA SER B 28 19.61 -16.60 8.14
C SER B 28 18.09 -16.66 7.99
N SER B 29 17.55 -16.10 6.90
CA SER B 29 16.08 -16.02 6.62
C SER B 29 15.46 -17.41 6.69
N LEU B 30 16.10 -18.39 6.06
CA LEU B 30 15.58 -19.78 5.92
C LEU B 30 16.11 -20.65 7.07
N THR B 31 15.56 -20.46 8.29
CA THR B 31 15.78 -21.37 9.45
C THR B 31 15.36 -22.78 9.02
N GLY B 32 14.16 -22.88 8.44
CA GLY B 32 13.62 -24.13 7.84
C GLY B 32 13.40 -25.22 8.87
N SER B 33 13.19 -24.83 10.13
CA SER B 33 12.96 -25.74 11.28
C SER B 33 11.52 -25.56 11.80
N GLY B 34 10.60 -25.20 10.90
CA GLY B 34 9.25 -24.73 11.25
C GLY B 34 9.26 -23.36 11.90
N GLY B 35 10.37 -22.62 11.73
CA GLY B 35 10.53 -21.24 12.23
C GLY B 35 10.06 -20.23 11.18
N PRO B 36 9.53 -19.05 11.59
CA PRO B 36 9.10 -18.04 10.63
C PRO B 36 10.31 -17.40 9.93
N LEU B 37 10.11 -16.86 8.73
CA LEU B 37 11.18 -16.17 7.96
C LEU B 37 11.79 -15.06 8.82
N LEU B 38 13.12 -15.02 8.89
CA LEU B 38 13.91 -13.95 9.55
C LEU B 38 14.27 -12.87 8.52
N TRP B 39 14.56 -11.66 8.99
CA TRP B 39 14.75 -10.46 8.13
C TRP B 39 15.90 -9.60 8.65
N GLU B 40 16.53 -8.83 7.74
CA GLU B 40 17.55 -7.79 8.07
C GLU B 40 16.82 -6.49 8.39
N THR B 41 17.35 -5.67 9.30
CA THR B 41 16.67 -4.46 9.84
C THR B 41 17.47 -3.17 9.66
N GLN B 42 18.79 -3.25 9.52
CA GLN B 42 19.68 -2.05 9.53
C GLN B 42 20.42 -1.92 8.19
N LEU B 43 20.81 -3.03 7.56
CA LEU B 43 21.71 -3.01 6.37
C LEU B 43 20.92 -2.63 5.11
N GLY B 44 21.55 -1.82 4.24
CA GLY B 44 20.99 -1.35 2.96
C GLY B 44 19.61 -0.74 3.12
N LEU B 45 18.62 -1.32 2.43
CA LEU B 45 17.25 -0.75 2.28
C LEU B 45 16.42 -0.98 3.54
N ALA B 46 16.84 -1.89 4.42
CA ALA B 46 16.11 -2.24 5.67
C ALA B 46 16.10 -1.04 6.62
N PHE B 47 15.01 -0.90 7.40
CA PHE B 47 14.84 0.18 8.41
C PHE B 47 13.69 -0.17 9.36
N LEU B 48 13.75 0.39 10.58
CA LEU B 48 12.64 0.41 11.56
C LEU B 48 12.39 1.86 11.99
N ARG B 49 11.12 2.26 12.13
CA ARG B 49 10.71 3.57 12.72
C ARG B 49 9.49 3.34 13.63
N GLY B 50 9.69 3.46 14.94
CA GLY B 50 8.63 3.30 15.96
C GLY B 50 8.08 1.87 15.98
N LEU B 51 8.89 0.90 15.55
CA LEU B 51 8.57 -0.55 15.54
C LEU B 51 9.82 -1.34 15.94
N SER B 52 9.68 -2.26 16.89
CA SER B 52 10.77 -3.18 17.33
C SER B 52 10.77 -4.45 16.48
N TYR B 53 11.86 -5.22 16.54
CA TYR B 53 12.03 -6.53 15.84
C TYR B 53 12.56 -7.58 16.82
N HIS B 54 11.88 -8.74 16.88
CA HIS B 54 12.26 -9.91 17.71
C HIS B 54 11.99 -11.23 16.97
N ASP B 55 13.05 -11.99 16.66
CA ASP B 55 13.02 -13.39 16.14
C ASP B 55 12.01 -13.53 14.99
N GLY B 56 12.29 -12.83 13.88
CA GLY B 56 11.53 -12.89 12.60
C GLY B 56 10.26 -12.07 12.59
N ALA B 57 9.97 -11.30 13.66
CA ALA B 57 8.66 -10.64 13.87
C ALA B 57 8.83 -9.12 14.01
N LEU B 58 8.03 -8.35 13.26
CA LEU B 58 7.74 -6.92 13.58
C LEU B 58 6.99 -6.90 14.92
N VAL B 59 7.38 -6.00 15.81
CA VAL B 59 6.85 -5.89 17.21
C VAL B 59 6.24 -4.49 17.36
N VAL B 60 4.93 -4.41 17.59
CA VAL B 60 4.19 -3.11 17.65
C VAL B 60 4.54 -2.40 18.97
N THR B 61 4.88 -1.12 18.86
CA THR B 61 5.08 -0.18 20.00
C THR B 61 3.76 0.57 20.22
N LYS B 62 3.36 1.37 19.24
CA LYS B 62 2.11 2.17 19.24
C LYS B 62 0.98 1.33 18.64
N ALA B 63 -0.01 0.95 19.46
CA ALA B 63 -1.19 0.15 19.05
C ALA B 63 -1.99 0.92 18.01
N GLY B 64 -2.69 0.20 17.13
CA GLY B 64 -3.59 0.79 16.12
C GLY B 64 -3.64 -0.01 14.83
N TYR B 65 -4.05 0.66 13.74
CA TYR B 65 -4.28 0.05 12.40
C TYR B 65 -3.03 0.24 11.53
N TYR B 66 -2.47 -0.86 11.06
CA TYR B 66 -1.26 -0.91 10.18
C TYR B 66 -1.61 -1.57 8.84
N TYR B 67 -1.29 -0.91 7.74
CA TYR B 67 -1.06 -1.57 6.42
C TYR B 67 0.22 -2.37 6.55
N ILE B 68 0.12 -3.69 6.43
CA ILE B 68 1.27 -4.64 6.46
C ILE B 68 1.40 -5.24 5.06
N TYR B 69 2.61 -5.64 4.67
CA TYR B 69 2.89 -6.22 3.34
C TYR B 69 4.09 -7.17 3.40
N SER B 70 4.23 -8.00 2.37
CA SER B 70 5.39 -8.88 2.14
C SER B 70 5.44 -9.32 0.68
N LYS B 71 6.60 -9.20 0.05
CA LYS B 71 6.92 -9.87 -1.23
C LYS B 71 7.91 -11.00 -0.92
N VAL B 72 7.79 -12.12 -1.63
CA VAL B 72 8.81 -13.21 -1.61
C VAL B 72 9.09 -13.61 -3.07
N GLN B 73 10.36 -13.64 -3.45
CA GLN B 73 10.79 -14.17 -4.77
C GLN B 73 10.86 -15.69 -4.66
N LEU B 74 10.15 -16.40 -5.53
CA LEU B 74 10.14 -17.88 -5.61
C LEU B 74 10.71 -18.31 -6.97
N GLY B 75 11.14 -19.57 -7.06
CA GLY B 75 11.76 -20.14 -8.28
C GLY B 75 12.48 -21.44 -7.99
N GLY B 76 13.27 -21.91 -8.97
CA GLY B 76 14.15 -23.08 -8.83
C GLY B 76 14.39 -23.78 -10.15
N VAL B 77 15.18 -24.85 -10.13
CA VAL B 77 15.39 -25.76 -11.29
C VAL B 77 14.36 -26.89 -11.20
N GLY B 78 13.17 -26.67 -11.77
CA GLY B 78 12.07 -27.65 -11.79
C GLY B 78 11.31 -27.71 -10.48
N CYS B 79 10.69 -28.86 -10.19
CA CYS B 79 9.58 -28.98 -9.21
C CYS B 79 9.77 -30.19 -8.29
N PRO B 80 9.68 -30.02 -6.96
CA PRO B 80 9.50 -31.13 -6.03
C PRO B 80 8.02 -31.35 -5.64
N ALA B 84 4.61 -31.02 -3.09
CA ALA B 84 3.43 -30.13 -3.07
C ALA B 84 3.67 -28.91 -3.96
N SER B 85 2.95 -28.81 -5.08
CA SER B 85 2.96 -27.64 -6.00
C SER B 85 2.27 -26.45 -5.33
N THR B 86 1.19 -26.72 -4.58
CA THR B 86 0.50 -25.74 -3.70
C THR B 86 1.53 -25.17 -2.71
N ILE B 87 1.71 -23.85 -2.72
CA ILE B 87 2.72 -23.14 -1.86
C ILE B 87 2.05 -21.93 -1.21
N THR B 88 2.12 -21.87 0.12
CA THR B 88 1.41 -20.88 0.99
C THR B 88 2.41 -19.79 1.42
N HIS B 89 2.07 -18.53 1.16
CA HIS B 89 2.79 -17.32 1.63
C HIS B 89 1.81 -16.43 2.39
N GLY B 90 2.07 -16.17 3.67
CA GLY B 90 1.09 -15.53 4.57
C GLY B 90 1.71 -14.62 5.61
N LEU B 91 0.89 -13.75 6.20
CA LEU B 91 1.23 -12.86 7.33
C LEU B 91 0.41 -13.29 8.55
N TYR B 92 1.08 -13.46 9.69
CA TYR B 92 0.54 -14.15 10.90
C TYR B 92 0.71 -13.25 12.12
N LYS B 93 -0.34 -13.16 12.95
CA LYS B 93 -0.31 -12.44 14.25
C LYS B 93 0.06 -13.43 15.35
N ARG B 94 1.11 -13.11 16.12
CA ARG B 94 1.38 -13.69 17.46
C ARG B 94 0.87 -12.69 18.50
N THR B 95 0.28 -13.19 19.59
CA THR B 95 -0.30 -12.34 20.67
C THR B 95 -0.43 -13.17 21.95
N PRO B 96 -0.30 -12.53 23.14
CA PRO B 96 -0.61 -13.21 24.40
C PRO B 96 -2.12 -13.45 24.57
N ARG B 97 -2.94 -12.84 23.70
CA ARG B 97 -4.42 -12.89 23.74
C ARG B 97 -4.95 -14.21 23.15
N TYR B 98 -4.07 -15.02 22.55
CA TYR B 98 -4.41 -16.34 21.95
C TYR B 98 -3.16 -17.20 21.90
N PRO B 99 -3.24 -18.51 22.24
CA PRO B 99 -2.06 -19.37 22.28
C PRO B 99 -1.53 -19.81 20.90
N GLU B 100 -2.38 -19.82 19.87
CA GLU B 100 -2.00 -20.15 18.47
C GLU B 100 -1.63 -18.87 17.73
N GLU B 101 -0.96 -19.00 16.57
CA GLU B 101 -0.78 -17.90 15.59
C GLU B 101 -2.12 -17.64 14.89
N LEU B 102 -2.36 -16.41 14.46
CA LEU B 102 -3.60 -16.00 13.75
C LEU B 102 -3.24 -15.57 12.32
N GLU B 103 -3.74 -16.31 11.31
CA GLU B 103 -3.66 -15.94 9.88
C GLU B 103 -4.30 -14.56 9.69
N LEU B 104 -3.61 -13.66 9.00
CA LEU B 104 -4.12 -12.29 8.66
C LEU B 104 -4.35 -12.19 7.14
N LEU B 105 -3.28 -12.35 6.37
CA LEU B 105 -3.27 -12.23 4.89
C LEU B 105 -2.43 -13.39 4.32
N VAL B 106 -3.01 -14.20 3.43
CA VAL B 106 -2.38 -15.47 2.96
C VAL B 106 -2.73 -15.70 1.48
N SER B 107 -1.77 -16.18 0.69
CA SER B 107 -1.92 -16.56 -0.73
C SER B 107 -1.51 -18.02 -0.93
N GLN B 108 -2.14 -18.70 -1.90
CA GLN B 108 -1.75 -20.05 -2.38
C GLN B 108 -1.42 -19.96 -3.88
N GLN B 109 -0.18 -20.28 -4.24
CA GLN B 109 0.31 -20.33 -5.65
C GLN B 109 0.51 -21.80 -6.05
N SER B 110 0.82 -22.05 -7.32
CA SER B 110 1.28 -23.36 -7.85
C SER B 110 1.98 -23.13 -9.19
N PRO B 111 3.20 -22.53 -9.17
CA PRO B 111 3.91 -22.15 -10.40
C PRO B 111 4.53 -23.30 -11.22
N CYS B 112 4.98 -24.38 -10.57
CA CYS B 112 5.50 -25.60 -11.25
C CYS B 112 4.57 -26.79 -11.00
N SER B 117 8.68 -31.72 -16.74
CA SER B 117 9.82 -32.27 -15.96
C SER B 117 10.56 -31.12 -15.25
N SER B 118 11.70 -31.44 -14.62
CA SER B 118 12.54 -30.49 -13.85
C SER B 118 13.68 -29.93 -14.71
N SER B 119 13.55 -30.02 -16.04
CA SER B 119 14.58 -29.58 -17.03
C SER B 119 14.58 -28.06 -17.16
N ARG B 120 13.49 -27.39 -16.75
CA ARG B 120 13.25 -25.95 -17.01
C ARG B 120 13.31 -25.15 -15.70
N VAL B 121 13.97 -23.99 -15.75
CA VAL B 121 14.08 -23.00 -14.63
C VAL B 121 12.89 -22.05 -14.71
N TRP B 122 12.41 -21.57 -13.56
CA TRP B 122 11.19 -20.74 -13.42
C TRP B 122 11.35 -19.77 -12.25
N TRP B 123 10.67 -18.61 -12.33
CA TRP B 123 10.58 -17.60 -11.25
C TRP B 123 9.13 -17.14 -11.12
N ASP B 124 8.67 -16.93 -9.87
CA ASP B 124 7.34 -16.37 -9.56
C ASP B 124 7.46 -15.52 -8.29
N SER B 125 7.11 -14.24 -8.36
CA SER B 125 6.99 -13.33 -7.19
C SER B 125 5.60 -13.55 -6.55
N SER B 126 5.53 -13.44 -5.23
CA SER B 126 4.27 -13.52 -4.44
C SER B 126 4.21 -12.33 -3.48
N PHE B 127 3.39 -11.33 -3.83
CA PHE B 127 3.15 -10.11 -3.02
C PHE B 127 1.76 -10.21 -2.38
N LEU B 128 1.65 -9.74 -1.14
CA LEU B 128 0.34 -9.40 -0.52
C LEU B 128 0.54 -8.24 0.47
N GLY B 129 -0.56 -7.55 0.76
CA GLY B 129 -0.64 -6.48 1.77
C GLY B 129 -2.08 -6.27 2.22
N GLY B 130 -2.29 -5.53 3.30
CA GLY B 130 -3.62 -5.36 3.91
C GLY B 130 -3.55 -4.59 5.21
N VAL B 131 -4.65 -3.93 5.58
CA VAL B 131 -4.75 -3.19 6.87
C VAL B 131 -5.32 -4.15 7.92
N VAL B 132 -4.54 -4.36 8.99
CA VAL B 132 -4.92 -5.19 10.18
C VAL B 132 -4.75 -4.31 11.41
N HIS B 133 -5.56 -4.53 12.45
CA HIS B 133 -5.43 -3.88 13.78
C HIS B 133 -4.45 -4.68 14.63
N LEU B 134 -3.51 -4.00 15.27
CA LEU B 134 -2.47 -4.61 16.13
C LEU B 134 -2.42 -3.86 17.47
N GLU B 135 -2.62 -4.59 18.58
CA GLU B 135 -2.50 -4.06 19.96
C GLU B 135 -1.00 -4.00 20.32
N ALA B 136 -0.64 -3.12 21.25
CA ALA B 136 0.75 -2.85 21.67
C ALA B 136 1.38 -4.14 22.20
N GLY B 137 2.52 -4.54 21.65
CA GLY B 137 3.26 -5.76 22.04
C GLY B 137 2.94 -6.95 21.15
N GLU B 138 1.84 -6.87 20.38
CA GLU B 138 1.46 -7.94 19.40
C GLU B 138 2.52 -7.98 18.30
N GLU B 139 2.83 -9.18 17.81
CA GLU B 139 3.87 -9.45 16.79
C GLU B 139 3.20 -9.80 15.45
N VAL B 140 3.92 -9.57 14.35
CA VAL B 140 3.55 -10.06 12.99
C VAL B 140 4.78 -10.75 12.39
N VAL B 141 4.59 -11.92 11.76
CA VAL B 141 5.66 -12.71 11.10
C VAL B 141 5.22 -13.08 9.68
N VAL B 142 6.18 -13.44 8.84
CA VAL B 142 5.95 -14.01 7.48
C VAL B 142 6.30 -15.50 7.52
N ARG B 143 5.48 -16.33 6.86
CA ARG B 143 5.75 -17.77 6.65
C ARG B 143 5.50 -18.12 5.18
N VAL B 144 6.53 -18.65 4.50
CA VAL B 144 6.38 -19.40 3.22
C VAL B 144 6.45 -20.88 3.57
N LEU B 145 5.49 -21.68 3.09
CA LEU B 145 5.20 -23.04 3.64
C LEU B 145 6.31 -24.02 3.24
N ASP B 146 6.83 -23.93 2.01
CA ASP B 146 8.07 -24.65 1.62
C ASP B 146 9.21 -23.64 1.42
N GLU B 147 9.93 -23.34 2.50
CA GLU B 147 11.05 -22.37 2.57
C GLU B 147 12.07 -22.64 1.45
N ARG B 148 12.23 -23.93 1.09
CA ARG B 148 13.17 -24.41 0.04
C ARG B 148 12.98 -23.57 -1.23
N LEU B 149 11.73 -23.24 -1.56
CA LEU B 149 11.36 -22.53 -2.82
C LEU B 149 11.69 -21.04 -2.71
N VAL B 150 11.92 -20.51 -1.51
CA VAL B 150 12.30 -19.07 -1.36
C VAL B 150 13.68 -18.89 -1.99
N ARG B 151 13.82 -17.92 -2.91
CA ARG B 151 15.10 -17.57 -3.59
C ARG B 151 15.56 -16.20 -3.09
N LEU B 152 16.66 -16.15 -2.33
CA LEU B 152 17.21 -14.87 -1.81
C LEU B 152 18.48 -14.50 -2.59
N ARG B 153 18.40 -13.39 -3.32
CA ARG B 153 19.55 -12.93 -4.14
C ARG B 153 20.26 -11.80 -3.39
N ASP B 154 19.69 -10.59 -3.41
CA ASP B 154 20.30 -9.39 -2.78
C ASP B 154 19.33 -8.76 -1.76
N GLY B 155 18.17 -9.38 -1.52
CA GLY B 155 17.18 -8.92 -0.53
C GLY B 155 16.23 -7.87 -1.10
N THR B 156 16.41 -7.49 -2.37
CA THR B 156 15.50 -6.54 -3.05
C THR B 156 14.42 -7.37 -3.74
N ARG B 157 14.56 -8.69 -3.60
CA ARG B 157 13.66 -9.70 -4.22
C ARG B 157 12.58 -10.12 -3.23
N SER B 158 12.94 -10.20 -1.94
CA SER B 158 12.03 -10.64 -0.84
C SER B 158 12.12 -9.64 0.32
N TYR B 159 10.97 -9.20 0.85
CA TYR B 159 10.89 -8.23 1.96
C TYR B 159 9.58 -8.34 2.74
N PHE B 160 9.52 -7.63 3.86
CA PHE B 160 8.41 -7.64 4.85
C PHE B 160 8.49 -6.35 5.67
N GLY B 161 7.40 -5.58 5.70
CA GLY B 161 7.33 -4.30 6.42
C GLY B 161 5.89 -3.87 6.67
N ALA B 162 5.69 -2.63 7.09
CA ALA B 162 4.36 -2.11 7.49
C ALA B 162 4.46 -0.61 7.79
N PHE B 163 3.31 0.06 7.83
CA PHE B 163 3.16 1.46 8.31
C PHE B 163 1.74 1.66 8.83
N MET B 164 1.61 2.47 9.89
CA MET B 164 0.31 2.82 10.52
C MET B 164 -0.50 3.68 9.55
N VAL B 165 -1.82 3.48 9.51
CA VAL B 165 -2.76 4.20 8.60
C VAL B 165 -3.85 4.89 9.43
N VAL C 17 -9.01 11.41 12.39
CA VAL C 17 -9.42 9.97 12.29
C VAL C 17 -9.36 9.57 10.80
N ASN C 18 -8.19 9.12 10.35
CA ASN C 18 -7.92 8.82 8.91
C ASN C 18 -8.82 7.67 8.47
N PRO C 19 -9.73 7.89 7.48
CA PRO C 19 -10.53 6.82 6.91
C PRO C 19 -9.72 5.58 6.51
N ALA C 20 -10.11 4.42 7.01
CA ALA C 20 -9.49 3.09 6.71
C ALA C 20 -10.56 2.00 6.73
N ALA C 21 -10.32 0.89 6.05
CA ALA C 21 -11.23 -0.27 5.99
C ALA C 21 -10.53 -1.49 5.39
N HIS C 22 -10.93 -2.67 5.82
CA HIS C 22 -10.48 -4.01 5.32
C HIS C 22 -11.66 -4.97 5.39
N LEU C 23 -12.17 -5.44 4.24
CA LEU C 23 -13.36 -6.32 4.16
C LEU C 23 -12.92 -7.69 3.61
N THR C 24 -13.59 -8.76 4.05
CA THR C 24 -13.17 -10.18 3.87
C THR C 24 -14.24 -10.96 3.12
N GLY C 25 -13.83 -11.98 2.36
CA GLY C 25 -14.73 -12.88 1.58
C GLY C 25 -15.73 -13.59 2.48
N ALA C 26 -16.97 -13.76 1.99
CA ALA C 26 -18.13 -14.28 2.77
C ALA C 26 -18.89 -15.33 1.94
N ASN C 27 -19.91 -15.96 2.53
CA ASN C 27 -20.71 -17.05 1.87
C ASN C 27 -21.62 -16.45 0.79
N SER C 28 -21.90 -15.13 0.86
CA SER C 28 -22.77 -14.39 -0.09
C SER C 28 -21.91 -13.60 -1.10
N SER C 29 -20.58 -13.73 -1.04
CA SER C 29 -19.61 -13.00 -1.90
C SER C 29 -19.94 -13.22 -3.37
N LEU C 30 -20.21 -14.47 -3.76
CA LEU C 30 -20.46 -14.88 -5.17
C LEU C 30 -21.96 -14.86 -5.46
N THR C 31 -22.54 -13.66 -5.65
CA THR C 31 -23.92 -13.45 -6.16
C THR C 31 -24.01 -14.12 -7.54
N GLY C 32 -23.01 -13.86 -8.39
CA GLY C 32 -22.80 -14.51 -9.71
C GLY C 32 -23.94 -14.22 -10.67
N SER C 33 -24.62 -13.08 -10.50
CA SER C 33 -25.77 -12.62 -11.31
C SER C 33 -25.38 -11.35 -12.07
N GLY C 34 -24.09 -11.22 -12.39
CA GLY C 34 -23.49 -9.97 -12.92
C GLY C 34 -23.41 -8.89 -11.84
N GLY C 35 -23.48 -9.30 -10.58
CA GLY C 35 -23.34 -8.41 -9.41
C GLY C 35 -21.87 -8.33 -8.96
N PRO C 36 -21.45 -7.22 -8.32
CA PRO C 36 -20.08 -7.12 -7.82
C PRO C 36 -19.91 -8.01 -6.58
N LEU C 37 -18.66 -8.42 -6.30
CA LEU C 37 -18.30 -9.24 -5.10
C LEU C 37 -18.80 -8.52 -3.84
N LEU C 38 -19.48 -9.27 -2.97
CA LEU C 38 -19.91 -8.80 -1.62
C LEU C 38 -18.85 -9.17 -0.59
N TRP C 39 -18.84 -8.50 0.55
CA TRP C 39 -17.77 -8.60 1.58
C TRP C 39 -18.36 -8.56 2.99
N GLU C 40 -17.66 -9.15 3.96
CA GLU C 40 -17.97 -9.06 5.41
C GLU C 40 -17.29 -7.81 5.97
N THR C 41 -17.90 -7.15 6.97
CA THR C 41 -17.46 -5.82 7.48
C THR C 41 -17.16 -5.82 8.98
N GLN C 42 -17.73 -6.74 9.76
CA GLN C 42 -17.67 -6.70 11.24
C GLN C 42 -16.94 -7.94 11.79
N LEU C 43 -17.14 -9.11 11.17
CA LEU C 43 -16.68 -10.41 11.72
C LEU C 43 -15.17 -10.59 11.47
N GLY C 44 -14.48 -11.13 12.47
CA GLY C 44 -13.03 -11.42 12.45
C GLY C 44 -12.23 -10.19 12.04
N LEU C 45 -11.45 -10.33 10.96
CA LEU C 45 -10.43 -9.33 10.54
C LEU C 45 -11.07 -8.12 9.87
N ALA C 46 -12.33 -8.23 9.44
CA ALA C 46 -13.08 -7.15 8.74
C ALA C 46 -13.29 -5.96 9.69
N PHE C 47 -13.28 -4.74 9.14
CA PHE C 47 -13.51 -3.48 9.89
C PHE C 47 -13.81 -2.32 8.91
N LEU C 48 -14.53 -1.31 9.41
CA LEU C 48 -14.73 0.00 8.74
C LEU C 48 -14.32 1.12 9.72
N ARG C 49 -13.63 2.15 9.23
CA ARG C 49 -13.33 3.39 10.00
C ARG C 49 -13.51 4.60 9.09
N GLY C 50 -14.57 5.39 9.33
CA GLY C 50 -14.89 6.60 8.55
C GLY C 50 -15.24 6.28 7.10
N LEU C 51 -15.72 5.06 6.85
CA LEU C 51 -16.17 4.57 5.52
C LEU C 51 -17.41 3.70 5.71
N SER C 52 -18.46 3.96 4.92
CA SER C 52 -19.72 3.17 4.92
C SER C 52 -19.61 2.01 3.92
N TYR C 53 -20.52 1.05 4.01
CA TYR C 53 -20.62 -0.11 3.08
C TYR C 53 -22.08 -0.29 2.63
N HIS C 54 -22.28 -0.39 1.31
CA HIS C 54 -23.60 -0.64 0.66
C HIS C 54 -23.47 -1.57 -0.55
N ASP C 55 -24.08 -2.76 -0.47
CA ASP C 55 -24.27 -3.73 -1.60
C ASP C 55 -22.95 -3.93 -2.37
N GLY C 56 -21.95 -4.50 -1.68
CA GLY C 56 -20.63 -4.90 -2.24
C GLY C 56 -19.64 -3.76 -2.39
N ALA C 57 -19.99 -2.54 -1.96
CA ALA C 57 -19.22 -1.31 -2.27
C ALA C 57 -18.76 -0.60 -0.99
N LEU C 58 -17.48 -0.25 -0.90
CA LEU C 58 -16.97 0.80 0.02
C LEU C 58 -17.61 2.13 -0.41
N VAL C 59 -18.10 2.91 0.55
CA VAL C 59 -18.85 4.18 0.33
C VAL C 59 -18.08 5.30 1.04
N VAL C 60 -17.58 6.27 0.28
CA VAL C 60 -16.71 7.36 0.82
C VAL C 60 -17.58 8.34 1.62
N THR C 61 -17.13 8.67 2.83
CA THR C 61 -17.69 9.73 3.71
C THR C 61 -16.90 11.02 3.46
N LYS C 62 -15.60 11.00 3.80
CA LYS C 62 -14.66 12.12 3.63
C LYS C 62 -14.00 12.01 2.25
N ALA C 63 -14.30 12.96 1.36
CA ALA C 63 -13.76 13.02 -0.02
C ALA C 63 -12.24 13.20 0.04
N GLY C 64 -11.52 12.70 -0.97
CA GLY C 64 -10.07 12.87 -1.12
C GLY C 64 -9.40 11.67 -1.78
N TYR C 65 -8.10 11.52 -1.56
CA TYR C 65 -7.22 10.52 -2.21
C TYR C 65 -7.08 9.29 -1.30
N TYR C 66 -7.47 8.13 -1.82
CA TYR C 66 -7.41 6.82 -1.11
C TYR C 66 -6.51 5.85 -1.87
N TYR C 67 -5.53 5.26 -1.18
CA TYR C 67 -4.93 3.96 -1.58
C TYR C 67 -6.02 2.90 -1.38
N ILE C 68 -6.42 2.25 -2.48
CA ILE C 68 -7.42 1.14 -2.49
C ILE C 68 -6.67 -0.13 -2.90
N TYR C 69 -7.14 -1.29 -2.46
CA TYR C 69 -6.50 -2.61 -2.75
C TYR C 69 -7.55 -3.73 -2.72
N SER C 70 -7.18 -4.87 -3.30
CA SER C 70 -7.96 -6.13 -3.25
C SER C 70 -7.05 -7.30 -3.59
N LYS C 71 -7.09 -8.35 -2.78
CA LYS C 71 -6.56 -9.69 -3.13
C LYS C 71 -7.75 -10.62 -3.37
N VAL C 72 -7.64 -11.53 -4.34
CA VAL C 72 -8.61 -12.65 -4.53
C VAL C 72 -7.83 -13.94 -4.71
N GLN C 73 -8.19 -14.97 -3.93
CA GLN C 73 -7.65 -16.33 -4.09
C GLN C 73 -8.42 -17.01 -5.22
N LEU C 74 -7.69 -17.48 -6.25
CA LEU C 74 -8.25 -18.24 -7.40
C LEU C 74 -7.67 -19.65 -7.36
N GLY C 75 -8.37 -20.58 -8.02
CA GLY C 75 -7.96 -22.00 -8.12
C GLY C 75 -9.09 -22.86 -8.61
N GLY C 76 -8.92 -24.19 -8.56
CA GLY C 76 -9.95 -25.17 -8.93
C GLY C 76 -9.35 -26.49 -9.38
N VAL C 77 -10.21 -27.45 -9.72
CA VAL C 77 -9.82 -28.76 -10.33
C VAL C 77 -9.85 -28.60 -11.85
N GLY C 78 -8.74 -28.14 -12.44
CA GLY C 78 -8.59 -27.97 -13.89
C GLY C 78 -9.23 -26.69 -14.39
N CYS C 79 -9.65 -26.66 -15.66
CA CYS C 79 -9.90 -25.42 -16.44
C CYS C 79 -11.20 -25.52 -17.24
N PRO C 80 -12.11 -24.52 -17.13
CA PRO C 80 -13.20 -24.33 -18.09
C PRO C 80 -12.87 -23.29 -19.18
N ALA C 84 -12.99 -19.44 -21.01
CA ALA C 84 -12.05 -18.30 -21.08
C ALA C 84 -10.97 -18.45 -19.99
N SER C 85 -9.72 -18.70 -20.40
CA SER C 85 -8.53 -18.75 -19.52
C SER C 85 -8.19 -17.35 -19.03
N THR C 86 -8.34 -16.34 -19.89
CA THR C 86 -8.26 -14.89 -19.55
C THR C 86 -9.28 -14.58 -18.44
N ILE C 87 -8.80 -14.09 -17.30
CA ILE C 87 -9.64 -13.81 -16.09
C ILE C 87 -9.29 -12.41 -15.56
N THR C 88 -10.31 -11.56 -15.44
CA THR C 88 -10.20 -10.12 -15.10
C THR C 88 -10.57 -9.91 -13.63
N HIS C 89 -9.66 -9.29 -12.87
CA HIS C 89 -9.86 -8.86 -11.45
C HIS C 89 -9.57 -7.36 -11.36
N GLY C 90 -10.57 -6.56 -10.97
CA GLY C 90 -10.50 -5.10 -11.07
C GLY C 90 -11.21 -4.36 -9.94
N LEU C 91 -10.89 -3.08 -9.79
CA LEU C 91 -11.54 -2.13 -8.84
C LEU C 91 -12.25 -1.05 -9.66
N TYR C 92 -13.53 -0.80 -9.34
CA TYR C 92 -14.46 -0.02 -10.19
C TYR C 92 -15.08 1.10 -9.35
N LYS C 93 -15.16 2.31 -9.92
CA LYS C 93 -15.87 3.47 -9.32
C LYS C 93 -17.31 3.49 -9.83
N ARG C 94 -18.28 3.52 -8.90
CA ARG C 94 -19.67 3.96 -9.15
C ARG C 94 -19.80 5.41 -8.67
N THR C 95 -20.54 6.23 -9.41
CA THR C 95 -20.71 7.67 -9.09
C THR C 95 -21.98 8.20 -9.77
N PRO C 96 -22.68 9.19 -9.17
CA PRO C 96 -23.77 9.87 -9.87
C PRO C 96 -23.26 10.77 -11.01
N ARG C 97 -21.94 10.98 -11.07
CA ARG C 97 -21.26 11.89 -12.04
C ARG C 97 -21.10 11.19 -13.41
N TYR C 98 -21.43 9.90 -13.50
CA TYR C 98 -21.36 9.10 -14.76
C TYR C 98 -22.31 7.91 -14.64
N PRO C 99 -23.08 7.57 -15.70
CA PRO C 99 -24.06 6.48 -15.61
C PRO C 99 -23.47 5.06 -15.66
N GLU C 100 -22.27 4.90 -16.23
CA GLU C 100 -21.53 3.60 -16.26
C GLU C 100 -20.59 3.52 -15.05
N GLU C 101 -20.10 2.30 -14.76
CA GLU C 101 -18.98 2.06 -13.82
C GLU C 101 -17.68 2.53 -14.49
N LEU C 102 -16.71 2.98 -13.68
CA LEU C 102 -15.39 3.44 -14.17
C LEU C 102 -14.29 2.52 -13.65
N GLU C 103 -13.60 1.82 -14.57
CA GLU C 103 -12.40 1.00 -14.26
C GLU C 103 -11.34 1.90 -13.61
N LEU C 104 -10.77 1.48 -12.48
CA LEU C 104 -9.69 2.21 -11.76
C LEU C 104 -8.37 1.40 -11.87
N LEU C 105 -8.38 0.18 -11.33
CA LEU C 105 -7.21 -0.73 -11.28
C LEU C 105 -7.68 -2.13 -11.66
N VAL C 106 -7.07 -2.75 -12.66
CA VAL C 106 -7.55 -4.03 -13.26
C VAL C 106 -6.35 -4.88 -13.70
N SER C 107 -6.43 -6.20 -13.48
CA SER C 107 -5.44 -7.22 -13.90
C SER C 107 -6.11 -8.27 -14.78
N GLN C 108 -5.35 -8.84 -15.73
CA GLN C 108 -5.74 -10.02 -16.54
C GLN C 108 -4.74 -11.14 -16.29
N GLN C 109 -5.20 -12.28 -15.77
CA GLN C 109 -4.39 -13.51 -15.53
C GLN C 109 -4.81 -14.57 -16.54
N SER C 110 -4.09 -15.71 -16.57
CA SER C 110 -4.47 -16.93 -17.30
C SER C 110 -3.72 -18.13 -16.72
N PRO C 111 -4.07 -18.56 -15.48
CA PRO C 111 -3.32 -19.60 -14.77
C PRO C 111 -3.48 -21.04 -15.29
N CYS C 112 -4.66 -21.40 -15.82
CA CYS C 112 -4.93 -22.73 -16.45
C CYS C 112 -5.18 -22.56 -17.95
N SER C 117 -4.89 -31.06 -19.32
CA SER C 117 -6.28 -31.49 -19.00
C SER C 117 -6.70 -30.94 -17.63
N SER C 118 -7.87 -31.36 -17.14
CA SER C 118 -8.47 -30.91 -15.86
C SER C 118 -8.14 -31.89 -14.72
N SER C 119 -7.10 -32.73 -14.91
CA SER C 119 -6.67 -33.78 -13.94
C SER C 119 -5.91 -33.15 -12.76
N ARG C 120 -5.41 -31.92 -12.93
CA ARG C 120 -4.48 -31.26 -11.97
C ARG C 120 -5.17 -30.07 -11.28
N VAL C 121 -4.96 -29.96 -9.96
CA VAL C 121 -5.45 -28.84 -9.10
C VAL C 121 -4.39 -27.74 -9.11
N TRP C 122 -4.83 -26.48 -9.01
CA TRP C 122 -3.99 -25.26 -9.13
C TRP C 122 -4.54 -24.14 -8.25
N TRP C 123 -3.66 -23.25 -7.79
CA TRP C 123 -4.02 -22.01 -7.04
C TRP C 123 -3.22 -20.84 -7.61
N ASP C 124 -3.86 -19.67 -7.70
CA ASP C 124 -3.20 -18.39 -8.10
C ASP C 124 -3.87 -17.26 -7.33
N SER C 125 -3.09 -16.49 -6.57
CA SER C 125 -3.53 -15.23 -5.92
C SER C 125 -3.42 -14.09 -6.94
N SER C 126 -4.34 -13.13 -6.88
CA SER C 126 -4.36 -11.90 -7.72
C SER C 126 -4.56 -10.69 -6.81
N PHE C 127 -3.47 -9.95 -6.56
CA PHE C 127 -3.45 -8.71 -5.75
C PHE C 127 -3.29 -7.50 -6.68
N LEU C 128 -3.99 -6.41 -6.37
CA LEU C 128 -3.67 -5.06 -6.92
C LEU C 128 -4.05 -3.99 -5.89
N GLY C 129 -3.43 -2.81 -6.03
CA GLY C 129 -3.69 -1.62 -5.22
C GLY C 129 -3.25 -0.38 -5.96
N GLY C 130 -3.64 0.79 -5.49
CA GLY C 130 -3.38 2.07 -6.19
C GLY C 130 -4.08 3.23 -5.53
N VAL C 131 -3.54 4.44 -5.69
CA VAL C 131 -4.15 5.69 -5.15
C VAL C 131 -5.08 6.26 -6.22
N VAL C 132 -6.37 6.39 -5.88
CA VAL C 132 -7.44 7.00 -6.72
C VAL C 132 -8.09 8.11 -5.90
N HIS C 133 -8.56 9.16 -6.57
CA HIS C 133 -9.36 10.25 -5.94
C HIS C 133 -10.83 9.84 -5.92
N LEU C 134 -11.49 10.03 -4.78
CA LEU C 134 -12.92 9.67 -4.58
C LEU C 134 -13.64 10.84 -3.93
N GLU C 135 -14.70 11.33 -4.60
CA GLU C 135 -15.60 12.40 -4.07
C GLU C 135 -16.57 11.77 -3.09
N ALA C 136 -17.09 12.58 -2.16
CA ALA C 136 -17.96 12.14 -1.05
C ALA C 136 -19.22 11.51 -1.63
N GLY C 137 -19.53 10.27 -1.23
CA GLY C 137 -20.71 9.52 -1.71
C GLY C 137 -20.38 8.59 -2.85
N GLU C 138 -19.23 8.77 -3.50
CA GLU C 138 -18.76 7.87 -4.60
C GLU C 138 -18.45 6.49 -3.99
N GLU C 139 -18.75 5.43 -4.75
CA GLU C 139 -18.59 4.02 -4.31
C GLU C 139 -17.39 3.39 -5.02
N VAL C 140 -16.80 2.35 -4.43
CA VAL C 140 -15.79 1.46 -5.07
C VAL C 140 -16.24 0.01 -4.85
N VAL C 141 -16.15 -0.82 -5.89
CA VAL C 141 -16.52 -2.27 -5.83
C VAL C 141 -15.38 -3.10 -6.44
N VAL C 142 -15.36 -4.39 -6.13
CA VAL C 142 -14.45 -5.40 -6.75
C VAL C 142 -15.29 -6.27 -7.69
N ARG C 143 -14.73 -6.61 -8.85
CA ARG C 143 -15.33 -7.59 -9.81
C ARG C 143 -14.23 -8.56 -10.26
N VAL C 144 -14.45 -9.86 -10.05
CA VAL C 144 -13.72 -10.96 -10.75
C VAL C 144 -14.64 -11.48 -11.85
N LEU C 145 -14.14 -11.57 -13.09
CA LEU C 145 -15.01 -11.68 -14.31
C LEU C 145 -15.66 -13.06 -14.38
N ASP C 146 -14.95 -14.13 -14.01
CA ASP C 146 -15.57 -15.48 -13.81
C ASP C 146 -15.53 -15.80 -12.31
N GLU C 147 -16.59 -15.40 -11.60
CA GLU C 147 -16.79 -15.59 -10.14
C GLU C 147 -16.58 -17.07 -9.76
N ARG C 148 -16.90 -17.99 -10.67
CA ARG C 148 -16.76 -19.46 -10.46
C ARG C 148 -15.33 -19.80 -10.00
N LEU C 149 -14.31 -19.06 -10.46
CA LEU C 149 -12.88 -19.33 -10.17
C LEU C 149 -12.46 -18.76 -8.82
N VAL C 150 -13.29 -17.93 -8.18
CA VAL C 150 -13.01 -17.36 -6.83
C VAL C 150 -13.16 -18.50 -5.80
N ARG C 151 -12.08 -18.79 -5.07
CA ARG C 151 -12.03 -19.84 -4.04
C ARG C 151 -12.00 -19.17 -2.66
N LEU C 152 -13.16 -19.18 -1.98
CA LEU C 152 -13.32 -18.59 -0.62
C LEU C 152 -13.17 -19.70 0.41
N ARG C 153 -12.17 -19.58 1.29
CA ARG C 153 -11.90 -20.52 2.41
C ARG C 153 -12.33 -19.87 3.74
N ASP C 154 -11.46 -19.05 4.34
CA ASP C 154 -11.75 -18.44 5.67
C ASP C 154 -11.83 -16.92 5.54
N GLY C 155 -11.69 -16.38 4.33
CA GLY C 155 -11.72 -14.92 4.13
C GLY C 155 -10.39 -14.23 4.39
N THR C 156 -9.34 -14.99 4.70
CA THR C 156 -7.95 -14.46 4.84
C THR C 156 -7.25 -14.65 3.49
N ARG C 157 -7.96 -15.27 2.55
CA ARG C 157 -7.50 -15.60 1.18
C ARG C 157 -7.92 -14.50 0.20
N SER C 158 -9.11 -13.92 0.39
CA SER C 158 -9.70 -12.87 -0.49
C SER C 158 -10.19 -11.69 0.35
N TYR C 159 -9.83 -10.46 -0.03
CA TYR C 159 -10.23 -9.23 0.73
C TYR C 159 -10.23 -8.00 -0.19
N PHE C 160 -10.76 -6.90 0.35
CA PHE C 160 -10.97 -5.59 -0.32
C PHE C 160 -11.08 -4.51 0.76
N GLY C 161 -10.26 -3.46 0.65
CA GLY C 161 -10.23 -2.35 1.62
C GLY C 161 -9.56 -1.12 1.03
N ALA C 162 -9.24 -0.14 1.88
CA ALA C 162 -8.64 1.15 1.46
C ALA C 162 -8.27 1.98 2.70
N PHE C 163 -7.45 3.01 2.49
CA PHE C 163 -7.15 4.06 3.50
C PHE C 163 -6.76 5.35 2.77
N MET C 164 -7.16 6.49 3.34
CA MET C 164 -6.87 7.84 2.78
C MET C 164 -5.36 8.10 2.91
N VAL C 165 -4.77 8.77 1.92
CA VAL C 165 -3.31 9.08 1.86
C VAL C 165 -3.12 10.59 1.74
N ILE D 1 36.28 14.25 15.23
CA ILE D 1 37.34 14.41 14.19
C ILE D 1 36.89 15.48 13.20
N ASN D 2 37.62 16.60 13.13
CA ASN D 2 37.28 17.80 12.32
C ASN D 2 38.34 17.99 11.23
N ILE D 3 37.94 18.64 10.13
CA ILE D 3 38.81 19.06 9.00
C ILE D 3 38.43 20.49 8.61
N THR D 4 39.43 21.35 8.36
CA THR D 4 39.23 22.74 7.90
C THR D 4 40.22 23.06 6.79
N SER D 5 39.94 24.12 6.02
CA SER D 5 40.77 24.61 4.89
C SER D 5 40.83 26.14 4.92
N SER D 6 42.01 26.71 5.13
CA SER D 6 42.26 28.18 5.16
C SER D 6 43.50 28.51 4.34
N ALA D 7 43.50 29.70 3.72
CA ALA D 7 44.55 30.18 2.80
C ALA D 7 44.99 31.59 3.18
N SER D 8 46.07 31.70 3.98
CA SER D 8 46.66 32.98 4.44
C SER D 8 47.71 33.47 3.43
N GLN D 9 47.88 34.79 3.33
CA GLN D 9 48.69 35.47 2.27
C GLN D 9 49.62 36.49 2.94
N GLU D 10 50.89 36.53 2.51
CA GLU D 10 51.94 37.45 3.05
C GLU D 10 52.89 37.86 1.92
N GLY D 11 52.69 39.06 1.36
CA GLY D 11 53.52 39.63 0.30
C GLY D 11 53.40 38.86 -1.01
N THR D 12 54.48 38.17 -1.41
CA THR D 12 54.54 37.34 -2.64
C THR D 12 53.99 35.94 -2.35
N ARG D 13 54.22 35.42 -1.14
CA ARG D 13 53.88 34.03 -0.74
C ARG D 13 52.37 33.87 -0.59
N LEU D 14 51.88 32.62 -0.70
CA LEU D 14 50.47 32.22 -0.43
C LEU D 14 50.48 30.84 0.23
N ASN D 15 50.02 30.76 1.48
CA ASN D 15 49.98 29.50 2.29
C ASN D 15 48.59 28.88 2.20
N LEU D 16 48.53 27.59 1.87
CA LEU D 16 47.32 26.73 1.98
C LEU D 16 47.46 25.90 3.26
N ILE D 17 46.42 25.87 4.10
CA ILE D 17 46.49 25.31 5.48
C ILE D 17 45.34 24.31 5.70
N CYS D 18 45.65 23.01 5.55
CA CYS D 18 44.81 21.89 6.05
C CYS D 18 44.97 21.78 7.57
N THR D 19 43.87 21.86 8.31
CA THR D 19 43.84 21.73 9.80
C THR D 19 43.02 20.48 10.16
N VAL D 20 43.59 19.61 10.99
CA VAL D 20 43.00 18.28 11.34
C VAL D 20 42.88 18.16 12.86
N TRP D 21 41.83 17.48 13.31
CA TRP D 21 41.53 17.23 14.75
C TRP D 21 41.40 15.73 15.00
N HIS D 22 42.01 15.24 16.07
CA HIS D 22 42.08 13.79 16.41
C HIS D 22 42.37 13.62 17.90
N LYS D 23 41.93 12.49 18.47
CA LYS D 23 42.24 12.09 19.88
C LYS D 23 43.76 12.01 20.03
N LYS D 24 44.30 12.74 21.01
CA LYS D 24 45.75 12.72 21.37
C LYS D 24 46.19 11.25 21.51
N GLU D 25 47.32 10.89 20.87
CA GLU D 25 48.05 9.60 21.04
C GLU D 25 47.31 8.44 20.34
N GLU D 26 46.37 8.72 19.42
CA GLU D 26 45.76 7.68 18.52
C GLU D 26 46.01 8.09 17.07
N ALA D 27 47.02 8.94 16.87
CA ALA D 27 47.42 9.57 15.59
C ALA D 27 48.56 8.79 14.92
N GLU D 28 49.12 7.77 15.57
CA GLU D 28 50.17 6.91 14.97
C GLU D 28 49.56 6.18 13.77
N GLY D 29 50.09 6.45 12.57
CA GLY D 29 49.57 5.92 11.29
C GLY D 29 48.57 6.87 10.66
N PHE D 30 48.46 8.08 11.21
CA PHE D 30 47.56 9.17 10.73
C PHE D 30 48.31 10.00 9.67
N VAL D 31 47.62 10.35 8.58
CA VAL D 31 48.18 11.15 7.45
C VAL D 31 47.20 12.27 7.09
N VAL D 32 47.65 13.52 7.09
CA VAL D 32 46.96 14.65 6.40
C VAL D 32 47.80 14.98 5.16
N PHE D 33 47.14 15.37 4.06
CA PHE D 33 47.77 15.62 2.74
C PHE D 33 46.88 16.52 1.88
N LEU D 34 47.50 17.14 0.87
CA LEU D 34 46.85 18.11 -0.06
C LEU D 34 46.95 17.57 -1.49
N CYS D 35 45.95 17.85 -2.32
CA CYS D 35 45.85 17.38 -3.74
C CYS D 35 45.48 18.54 -4.67
N LYS D 36 46.24 18.72 -5.74
CA LYS D 36 45.92 19.65 -6.85
C LYS D 36 45.27 18.85 -7.98
N ASP D 37 44.07 19.27 -8.41
CA ASP D 37 43.32 18.71 -9.57
C ASP D 37 43.30 17.18 -9.48
N ARG D 38 42.74 16.64 -8.39
CA ARG D 38 42.43 15.19 -8.24
C ARG D 38 40.92 15.01 -8.18
N SER D 39 40.33 14.39 -9.20
CA SER D 39 38.87 14.14 -9.34
C SER D 39 38.46 13.03 -8.36
N GLY D 40 38.57 13.29 -7.05
CA GLY D 40 38.32 12.31 -5.98
C GLY D 40 39.27 11.13 -6.04
N ASP D 41 40.38 11.27 -6.76
CA ASP D 41 41.50 10.29 -6.83
C ASP D 41 42.59 10.72 -5.83
N CYS D 42 42.25 11.65 -4.93
CA CYS D 42 43.17 12.26 -3.95
C CYS D 42 43.63 11.22 -2.92
N SER D 43 44.95 11.07 -2.78
CA SER D 43 45.61 10.12 -1.84
C SER D 43 47.03 10.60 -1.56
N PRO D 44 47.69 10.12 -0.49
CA PRO D 44 49.11 10.41 -0.26
C PRO D 44 49.97 10.16 -1.50
N GLU D 45 49.70 9.07 -2.23
CA GLU D 45 50.46 8.65 -3.44
C GLU D 45 50.31 9.70 -4.55
N THR D 46 49.19 10.45 -4.53
CA THR D 46 48.84 11.47 -5.57
C THR D 46 48.76 12.87 -4.94
N SER D 47 49.29 13.03 -3.72
CA SER D 47 49.32 14.32 -2.98
C SER D 47 50.40 15.23 -3.60
N LEU D 48 50.34 16.53 -3.31
CA LEU D 48 51.45 17.49 -3.54
C LEU D 48 52.44 17.36 -2.36
N LYS D 49 51.91 17.48 -1.14
CA LYS D 49 52.68 17.35 0.13
C LYS D 49 51.81 16.60 1.14
N GLN D 50 52.44 15.90 2.08
CA GLN D 50 51.75 15.15 3.16
C GLN D 50 52.50 15.31 4.49
N LEU D 51 51.87 14.87 5.58
CA LEU D 51 52.44 14.84 6.96
C LEU D 51 51.93 13.60 7.66
N ARG D 52 52.70 12.51 7.63
CA ARG D 52 52.39 11.28 8.42
C ARG D 52 52.76 11.55 9.88
N LEU D 53 51.77 11.47 10.78
CA LEU D 53 51.93 11.82 12.22
C LEU D 53 52.48 10.61 12.98
N LYS D 54 53.00 10.85 14.19
CA LYS D 54 53.69 9.82 15.03
C LYS D 54 53.49 10.15 16.51
N ARG D 55 52.93 9.19 17.27
CA ARG D 55 52.81 9.24 18.75
C ARG D 55 52.36 7.86 19.26
N ILE D 65 46.06 17.94 20.14
CA ILE D 65 44.88 17.25 19.52
C ILE D 65 44.60 17.85 18.13
N SER D 66 44.96 19.12 17.91
CA SER D 66 44.91 19.80 16.58
C SER D 66 46.22 19.58 15.82
N SER D 67 46.13 19.06 14.60
CA SER D 67 47.26 18.90 13.63
C SER D 67 47.06 19.86 12.46
N GLN D 68 48.14 20.17 11.75
CA GLN D 68 48.14 21.15 10.63
C GLN D 68 49.12 20.71 9.53
N LEU D 69 48.71 20.90 8.27
CA LEU D 69 49.61 20.80 7.08
C LEU D 69 49.62 22.17 6.39
N MET D 70 50.81 22.64 6.01
CA MET D 70 51.02 23.96 5.36
C MET D 70 51.80 23.76 4.06
N PHE D 71 51.18 24.12 2.93
CA PHE D 71 51.82 24.15 1.58
C PHE D 71 51.90 25.61 1.13
N THR D 72 53.12 26.14 1.04
CA THR D 72 53.41 27.56 0.67
C THR D 72 53.74 27.64 -0.82
N ILE D 73 53.03 28.50 -1.55
CA ILE D 73 53.31 28.87 -2.97
C ILE D 73 54.08 30.20 -2.96
N SER D 74 55.39 30.15 -3.24
CA SER D 74 56.34 31.29 -3.11
C SER D 74 56.00 32.39 -4.13
N GLN D 75 55.48 32.03 -5.30
CA GLN D 75 55.18 32.99 -6.40
C GLN D 75 53.82 32.66 -7.05
N VAL D 76 53.09 33.70 -7.43
CA VAL D 76 51.76 33.62 -8.12
C VAL D 76 52.03 33.40 -9.63
N THR D 77 51.74 32.20 -10.13
CA THR D 77 52.02 31.79 -11.55
C THR D 77 50.77 31.14 -12.15
N PRO D 78 50.64 31.10 -13.50
CA PRO D 78 49.51 30.44 -14.16
C PRO D 78 49.38 28.92 -13.90
N LEU D 79 50.49 28.19 -13.84
CA LEU D 79 50.50 26.70 -13.77
C LEU D 79 50.05 26.23 -12.37
N HIS D 80 50.13 27.09 -11.35
CA HIS D 80 49.65 26.82 -9.97
C HIS D 80 48.13 26.93 -9.88
N SER D 81 47.48 27.52 -10.91
CA SER D 81 46.01 27.59 -11.03
C SER D 81 45.42 26.17 -11.10
N GLY D 82 44.34 25.90 -10.38
CA GLY D 82 43.63 24.61 -10.40
C GLY D 82 42.59 24.48 -9.30
N THR D 83 42.34 23.25 -8.85
CA THR D 83 41.37 22.90 -7.79
C THR D 83 42.06 22.04 -6.73
N TYR D 84 42.08 22.50 -5.48
CA TYR D 84 42.84 21.87 -4.36
C TYR D 84 41.84 21.23 -3.39
N GLN D 85 42.31 20.27 -2.59
CA GLN D 85 41.47 19.53 -1.62
C GLN D 85 42.31 19.10 -0.42
N CYS D 86 41.91 19.51 0.78
CA CYS D 86 42.48 19.04 2.08
C CYS D 86 41.84 17.71 2.44
N CYS D 87 42.65 16.66 2.59
CA CYS D 87 42.19 15.28 2.88
C CYS D 87 43.04 14.69 4.01
N ALA D 88 42.43 13.87 4.87
CA ALA D 88 43.12 13.15 5.96
C ALA D 88 42.77 11.66 5.89
N ARG D 89 43.62 10.82 6.49
CA ARG D 89 43.37 9.35 6.56
C ARG D 89 43.91 8.82 7.89
N SER D 90 43.06 8.20 8.71
CA SER D 90 43.44 7.64 10.03
C SER D 90 43.64 6.12 9.89
N GLN D 91 44.79 5.60 10.31
CA GLN D 91 45.11 4.15 10.18
C GLN D 91 44.29 3.36 11.21
N LYS D 92 44.35 3.75 12.49
CA LYS D 92 43.71 2.98 13.59
C LYS D 92 42.20 2.91 13.35
N SER D 93 41.60 4.05 12.95
CA SER D 93 40.13 4.19 12.71
C SER D 93 39.72 3.54 11.39
N GLY D 94 40.58 3.65 10.37
CA GLY D 94 40.28 3.26 8.98
C GLY D 94 39.48 4.34 8.28
N ILE D 95 39.18 5.42 9.01
CA ILE D 95 38.29 6.54 8.56
C ILE D 95 39.07 7.42 7.58
N ARG D 96 38.44 7.80 6.47
CA ARG D 96 38.94 8.86 5.55
C ARG D 96 38.32 10.19 5.95
N LEU D 97 38.85 11.30 5.43
CA LEU D 97 38.34 12.66 5.71
C LEU D 97 38.51 13.53 4.47
N GLN D 98 37.41 14.12 3.98
CA GLN D 98 37.34 14.88 2.70
C GLN D 98 37.00 16.35 3.00
N GLY D 99 37.97 17.25 2.84
CA GLY D 99 37.76 18.70 2.96
C GLY D 99 37.12 19.26 1.70
N HIS D 100 36.61 20.49 1.77
CA HIS D 100 35.89 21.19 0.67
C HIS D 100 36.83 21.43 -0.52
N PHE D 101 36.26 21.39 -1.73
CA PHE D 101 36.95 21.71 -3.01
C PHE D 101 37.04 23.23 -3.14
N PHE D 102 38.24 23.78 -2.99
CA PHE D 102 38.57 25.21 -3.24
C PHE D 102 39.45 25.32 -4.49
N SER D 103 39.49 26.50 -5.09
CA SER D 103 40.13 26.75 -6.41
C SER D 103 41.06 27.98 -6.34
N ILE D 104 42.24 27.85 -6.94
CA ILE D 104 43.13 28.99 -7.34
C ILE D 104 42.89 29.25 -8.83
N LEU D 105 42.71 30.52 -9.22
CA LEU D 105 42.55 30.92 -10.65
C LEU D 105 43.41 32.15 -10.94
N PHE D 106 44.27 32.05 -11.96
CA PHE D 106 45.23 33.10 -12.40
C PHE D 106 44.66 33.84 -13.61
N THR D 107 44.99 35.12 -13.75
CA THR D 107 44.63 35.99 -14.91
C THR D 107 45.78 36.95 -15.21
N GLY D 110 48.93 38.46 -14.42
CA GLY D 110 48.24 39.72 -14.09
C GLY D 110 47.76 39.77 -12.65
N ASN D 111 46.77 38.94 -12.31
CA ASN D 111 46.11 38.89 -10.97
C ASN D 111 45.74 37.44 -10.63
N TYR D 112 45.07 37.22 -9.49
CA TYR D 112 44.58 35.89 -9.03
C TYR D 112 43.52 36.04 -7.93
N THR D 113 42.65 35.05 -7.80
CA THR D 113 41.54 35.01 -6.80
C THR D 113 41.34 33.57 -6.30
N VAL D 114 40.97 33.41 -5.01
CA VAL D 114 40.62 32.10 -4.38
C VAL D 114 39.10 32.03 -4.21
N THR D 115 38.51 30.84 -4.39
CA THR D 115 37.05 30.57 -4.30
C THR D 115 36.81 29.16 -3.74
N GLY D 116 35.62 28.95 -3.14
CA GLY D 116 35.19 27.67 -2.55
C GLY D 116 35.09 27.76 -1.04
N PRO D 140 23.16 23.22 -5.77
CA PRO D 140 23.14 24.12 -6.91
C PRO D 140 24.33 23.83 -7.82
N SER D 141 24.13 22.91 -8.77
CA SER D 141 25.13 22.49 -9.80
C SER D 141 26.46 22.12 -9.11
N CYS D 142 26.41 21.20 -8.14
CA CYS D 142 27.61 20.65 -7.46
C CYS D 142 28.45 19.87 -8.47
N LYS D 143 29.77 19.83 -8.28
CA LYS D 143 30.73 19.14 -9.19
C LYS D 143 30.51 17.62 -9.11
N GLU D 144 31.03 16.89 -10.10
CA GLU D 144 30.91 15.42 -10.22
C GLU D 144 31.34 14.75 -8.91
N ASP D 145 32.40 15.26 -8.28
CA ASP D 145 33.02 14.68 -7.06
C ASP D 145 32.21 15.03 -5.81
N GLU D 146 31.21 15.92 -5.94
CA GLU D 146 30.36 16.39 -4.81
C GLU D 146 28.95 15.83 -4.93
N TYR D 147 28.21 15.83 -3.82
CA TYR D 147 26.76 15.51 -3.74
C TYR D 147 26.06 16.59 -2.91
N PRO D 148 24.87 17.08 -3.32
CA PRO D 148 24.21 18.18 -2.63
C PRO D 148 23.63 17.79 -1.26
N VAL D 149 23.76 18.69 -0.28
CA VAL D 149 23.20 18.56 1.09
C VAL D 149 22.64 19.92 1.51
N GLY D 150 21.32 20.09 1.44
CA GLY D 150 20.63 21.38 1.64
C GLY D 150 21.07 22.40 0.60
N SER D 151 21.47 23.59 1.04
CA SER D 151 22.03 24.68 0.19
C SER D 151 23.45 24.29 -0.28
N GLU D 152 24.22 23.69 0.62
CA GLU D 152 25.67 23.37 0.45
C GLU D 152 25.85 22.20 -0.53
N CYS D 153 27.08 22.03 -1.02
CA CYS D 153 27.61 20.79 -1.67
C CYS D 153 28.63 20.15 -0.72
N CYS D 154 28.86 18.84 -0.86
CA CYS D 154 29.78 18.05 0.02
C CYS D 154 30.68 17.16 -0.83
N PRO D 155 31.98 17.04 -0.48
CA PRO D 155 32.87 16.08 -1.14
C PRO D 155 32.36 14.64 -0.99
N LYS D 156 32.31 13.88 -2.10
CA LYS D 156 31.90 12.46 -2.08
C LYS D 156 32.97 11.63 -1.35
N CYS D 157 32.56 10.48 -0.80
CA CYS D 157 33.44 9.48 -0.16
C CYS D 157 33.99 8.52 -1.22
N SER D 158 35.13 7.89 -0.94
CA SER D 158 35.87 6.96 -1.83
C SER D 158 35.03 5.71 -2.07
N PRO D 159 35.25 4.97 -3.20
CA PRO D 159 34.68 3.63 -3.34
C PRO D 159 34.99 2.77 -2.10
N GLY D 160 33.99 2.02 -1.63
CA GLY D 160 34.07 1.19 -0.41
C GLY D 160 34.05 2.02 0.85
N TYR D 161 33.56 3.26 0.76
CA TYR D 161 33.49 4.21 1.90
C TYR D 161 32.12 4.90 1.92
N ARG D 162 31.46 4.78 3.08
CA ARG D 162 30.08 5.26 3.39
C ARG D 162 30.20 6.64 4.04
N VAL D 163 29.17 7.49 3.90
CA VAL D 163 29.13 8.83 4.57
C VAL D 163 28.75 8.61 6.04
N LYS D 164 29.73 8.82 6.94
CA LYS D 164 29.56 8.73 8.42
C LYS D 164 28.95 10.04 8.91
N GLU D 165 29.42 11.18 8.38
CA GLU D 165 28.98 12.54 8.74
C GLU D 165 28.95 13.40 7.46
N ALA D 166 27.89 14.19 7.28
CA ALA D 166 27.74 15.15 6.16
C ALA D 166 28.73 16.29 6.36
N CYS D 167 29.21 16.90 5.27
CA CYS D 167 30.12 18.08 5.32
C CYS D 167 29.37 19.28 5.90
N GLY D 168 29.93 19.92 6.92
CA GLY D 168 29.43 21.21 7.45
C GLY D 168 29.83 22.35 6.54
N GLU D 169 29.39 23.57 6.84
CA GLU D 169 29.82 24.79 6.10
C GLU D 169 31.34 24.93 6.22
N LEU D 170 31.86 24.81 7.45
CA LEU D 170 33.32 24.83 7.76
C LEU D 170 33.88 23.40 7.77
N THR D 171 33.08 22.42 8.20
CA THR D 171 33.51 21.00 8.38
C THR D 171 33.57 20.34 7.00
N GLY D 172 34.28 19.21 6.90
CA GLY D 172 34.41 18.41 5.67
C GLY D 172 33.63 17.11 5.77
N THR D 173 33.53 16.36 4.67
CA THR D 173 32.85 15.04 4.62
C THR D 173 33.68 14.03 5.41
N VAL D 174 33.03 13.30 6.32
CA VAL D 174 33.64 12.14 7.04
C VAL D 174 33.18 10.85 6.36
N CYS D 175 34.08 9.86 6.23
CA CYS D 175 33.84 8.61 5.47
C CYS D 175 34.29 7.39 6.28
N GLU D 176 33.33 6.54 6.67
CA GLU D 176 33.62 5.23 7.30
C GLU D 176 33.81 4.19 6.20
N PRO D 177 34.63 3.13 6.39
CA PRO D 177 34.72 2.06 5.41
C PRO D 177 33.45 1.20 5.53
N CYS D 178 33.02 0.59 4.43
CA CYS D 178 31.89 -0.37 4.40
C CYS D 178 32.15 -1.49 5.40
N PRO D 179 31.13 -1.97 6.15
CA PRO D 179 31.27 -3.20 6.92
C PRO D 179 31.35 -4.42 6.00
N PRO D 180 31.80 -5.59 6.51
CA PRO D 180 31.81 -6.81 5.71
C PRO D 180 30.39 -7.23 5.32
N GLY D 181 30.24 -7.84 4.14
CA GLY D 181 28.93 -8.24 3.58
C GLY D 181 28.26 -7.08 2.84
N THR D 182 28.90 -5.92 2.77
CA THR D 182 28.43 -4.71 2.05
C THR D 182 29.54 -4.18 1.13
N TYR D 183 29.22 -3.20 0.29
CA TYR D 183 30.14 -2.61 -0.71
C TYR D 183 29.56 -1.30 -1.27
N ILE D 184 30.44 -0.42 -1.76
CA ILE D 184 30.11 0.75 -2.62
C ILE D 184 31.18 0.83 -3.71
N ALA D 185 30.78 0.81 -4.98
CA ALA D 185 31.69 0.61 -6.13
C ALA D 185 31.99 1.93 -6.86
N HIS D 186 31.74 3.08 -6.23
CA HIS D 186 31.87 4.41 -6.88
C HIS D 186 32.15 5.51 -5.84
N LEU D 187 32.76 6.61 -6.30
CA LEU D 187 32.69 7.93 -5.60
C LEU D 187 31.21 8.18 -5.30
N ASN D 188 30.86 8.30 -4.01
CA ASN D 188 29.44 8.28 -3.56
C ASN D 188 29.21 9.27 -2.42
N GLY D 189 27.94 9.63 -2.20
CA GLY D 189 27.44 10.35 -1.02
C GLY D 189 26.39 9.53 -0.28
N LEU D 190 26.48 8.20 -0.35
CA LEU D 190 25.53 7.25 0.27
C LEU D 190 25.76 7.20 1.78
N SER D 191 24.68 7.20 2.57
CA SER D 191 24.70 7.12 4.05
C SER D 191 24.76 5.66 4.52
N LYS D 192 24.54 4.71 3.60
CA LYS D 192 24.59 3.24 3.90
C LYS D 192 25.14 2.49 2.68
N CYS D 193 25.99 1.48 2.92
CA CYS D 193 26.65 0.66 1.87
C CYS D 193 25.63 -0.30 1.25
N LEU D 194 25.78 -0.58 -0.05
CA LEU D 194 24.97 -1.58 -0.81
C LEU D 194 25.25 -2.97 -0.21
N GLN D 195 24.23 -3.83 -0.10
CA GLN D 195 24.36 -5.20 0.46
C GLN D 195 24.89 -6.13 -0.63
N CYS D 196 25.94 -6.90 -0.33
CA CYS D 196 26.58 -7.89 -1.23
C CYS D 196 25.55 -8.94 -1.66
N GLN D 197 25.57 -9.32 -2.94
CA GLN D 197 24.69 -10.38 -3.51
C GLN D 197 25.19 -11.75 -3.04
N MET D 198 24.28 -12.60 -2.54
CA MET D 198 24.55 -14.03 -2.21
C MET D 198 24.29 -14.88 -3.46
N CYS D 199 25.25 -15.73 -3.83
CA CYS D 199 25.10 -16.73 -4.92
C CYS D 199 24.44 -17.98 -4.34
N ASP D 200 23.24 -18.31 -4.84
CA ASP D 200 22.37 -19.38 -4.28
C ASP D 200 22.93 -20.74 -4.67
N PRO D 201 23.39 -21.57 -3.69
CA PRO D 201 23.88 -22.91 -4.01
C PRO D 201 22.79 -23.76 -4.69
N ALA D 202 21.55 -23.63 -4.22
CA ALA D 202 20.36 -24.42 -4.66
C ALA D 202 20.00 -24.11 -6.12
N MET D 203 20.53 -23.02 -6.69
CA MET D 203 20.41 -22.69 -8.15
C MET D 203 21.68 -23.13 -8.89
N GLY D 204 22.49 -23.99 -8.25
CA GLY D 204 23.77 -24.51 -8.79
C GLY D 204 24.78 -23.41 -9.03
N LEU D 205 24.71 -22.33 -8.24
CA LEU D 205 25.60 -21.14 -8.37
C LEU D 205 26.66 -21.16 -7.26
N ARG D 206 27.80 -20.49 -7.52
CA ARG D 206 28.85 -20.20 -6.52
C ARG D 206 29.47 -18.83 -6.83
N ALA D 207 30.14 -18.22 -5.86
CA ALA D 207 30.80 -16.90 -5.99
C ALA D 207 32.00 -17.03 -6.93
N SER D 208 31.84 -16.61 -8.19
CA SER D 208 32.94 -16.53 -9.19
C SER D 208 33.98 -15.51 -8.69
N ARG D 209 33.52 -14.30 -8.38
CA ARG D 209 34.28 -13.26 -7.64
C ARG D 209 33.65 -13.08 -6.25
N ASN D 210 34.48 -12.98 -5.22
CA ASN D 210 34.03 -12.72 -3.82
C ASN D 210 33.70 -11.23 -3.67
N CYS D 211 32.82 -10.89 -2.73
CA CYS D 211 32.42 -9.48 -2.46
C CYS D 211 33.55 -8.76 -1.72
N SER D 212 34.32 -7.95 -2.45
CA SER D 212 35.24 -6.93 -1.88
C SER D 212 34.41 -5.71 -1.47
N ARG D 213 34.98 -4.80 -0.69
CA ARG D 213 34.25 -3.61 -0.18
C ARG D 213 34.06 -2.57 -1.30
N THR D 214 34.64 -2.79 -2.48
CA THR D 214 34.55 -1.89 -3.67
C THR D 214 33.89 -2.58 -4.87
N GLU D 215 33.62 -3.89 -4.77
CA GLU D 215 32.96 -4.67 -5.85
C GLU D 215 31.90 -5.58 -5.25
N ASN D 216 30.73 -5.69 -5.89
CA ASN D 216 29.71 -6.72 -5.57
C ASN D 216 30.32 -8.09 -5.92
N ALA D 217 29.85 -9.16 -5.28
CA ALA D 217 30.15 -10.55 -5.66
C ALA D 217 29.50 -10.85 -7.01
N VAL D 218 30.00 -11.86 -7.73
CA VAL D 218 29.43 -12.31 -9.04
C VAL D 218 29.24 -13.83 -8.98
N CYS D 219 28.19 -14.33 -9.62
CA CYS D 219 27.74 -15.74 -9.56
C CYS D 219 28.04 -16.46 -10.88
N GLY D 220 28.85 -17.52 -10.81
CA GLY D 220 29.04 -18.53 -11.86
C GLY D 220 28.52 -19.87 -11.39
N CYS D 221 28.63 -20.93 -12.22
CA CYS D 221 28.09 -22.28 -11.94
C CYS D 221 29.01 -23.04 -10.98
N SER D 222 28.42 -23.94 -10.19
CA SER D 222 29.08 -24.74 -9.12
C SER D 222 30.04 -25.77 -9.72
N PRO D 223 30.90 -26.42 -8.90
CA PRO D 223 31.77 -27.49 -9.40
C PRO D 223 30.97 -28.61 -10.08
N GLY D 224 31.12 -28.73 -11.42
CA GLY D 224 30.50 -29.78 -12.24
C GLY D 224 29.11 -29.42 -12.73
N HIS D 225 28.75 -28.13 -12.66
CA HIS D 225 27.46 -27.59 -13.16
C HIS D 225 27.72 -26.72 -14.40
N PHE D 226 26.66 -26.47 -15.19
CA PHE D 226 26.70 -25.68 -16.46
C PHE D 226 25.58 -24.64 -16.45
N CYS D 227 25.54 -23.75 -17.43
CA CYS D 227 24.56 -22.63 -17.51
C CYS D 227 23.28 -23.08 -18.19
N ILE D 228 22.12 -22.77 -17.59
CA ILE D 228 20.76 -23.06 -18.13
C ILE D 228 20.28 -21.82 -18.90
N VAL D 229 20.19 -20.68 -18.21
CA VAL D 229 19.83 -19.35 -18.78
C VAL D 229 20.81 -18.32 -18.21
N GLN D 230 20.92 -17.15 -18.86
CA GLN D 230 21.72 -16.00 -18.37
C GLN D 230 20.81 -14.78 -18.23
N ASP D 231 20.97 -14.03 -17.12
CA ASP D 231 20.18 -12.81 -16.80
C ASP D 231 20.87 -11.58 -17.40
N GLY D 232 22.21 -11.62 -17.48
CA GLY D 232 23.03 -10.61 -18.18
C GLY D 232 24.23 -11.26 -18.87
N ASP D 233 25.44 -10.92 -18.43
CA ASP D 233 26.70 -11.63 -18.81
C ASP D 233 27.14 -12.49 -17.62
N HIS D 234 26.16 -13.09 -16.93
CA HIS D 234 26.32 -13.97 -15.74
C HIS D 234 25.22 -15.05 -15.79
N CYS D 235 25.48 -16.21 -15.18
CA CYS D 235 24.52 -17.35 -15.17
C CYS D 235 23.48 -17.15 -14.07
N ALA D 236 22.19 -17.20 -14.44
CA ALA D 236 21.02 -17.05 -13.54
C ALA D 236 20.82 -18.33 -12.72
N ALA D 237 20.92 -19.49 -13.38
CA ALA D 237 20.67 -20.83 -12.78
C ALA D 237 21.49 -21.90 -13.52
N CYS D 238 21.97 -22.90 -12.76
CA CYS D 238 22.84 -24.00 -13.27
C CYS D 238 22.28 -25.37 -12.85
N ARG D 239 22.40 -26.37 -13.72
CA ARG D 239 22.12 -27.81 -13.48
C ARG D 239 23.43 -28.58 -13.64
N ALA D 240 23.52 -29.79 -13.07
CA ALA D 240 24.69 -30.70 -13.20
C ALA D 240 24.39 -31.77 -14.26
N ILE E 1 -22.50 -3.22 33.46
CA ILE E 1 -22.37 -4.47 34.28
C ILE E 1 -20.96 -4.50 34.88
N ASN E 2 -20.86 -4.44 36.21
CA ASN E 2 -19.58 -4.33 36.97
C ASN E 2 -19.39 -5.59 37.82
N ILE E 3 -18.13 -5.90 38.12
CA ILE E 3 -17.69 -7.03 39.02
C ILE E 3 -16.58 -6.49 39.92
N THR E 4 -16.63 -6.81 41.22
CA THR E 4 -15.59 -6.43 42.21
C THR E 4 -15.30 -7.62 43.12
N SER E 5 -14.14 -7.58 43.80
CA SER E 5 -13.66 -8.63 44.73
C SER E 5 -13.04 -7.95 45.96
N SER E 6 -13.64 -8.16 47.14
CA SER E 6 -13.17 -7.62 48.44
C SER E 6 -13.21 -8.73 49.50
N ALA E 7 -12.27 -8.66 50.46
CA ALA E 7 -12.06 -9.68 51.52
C ALA E 7 -11.96 -9.00 52.89
N SER E 8 -13.08 -8.92 53.61
CA SER E 8 -13.20 -8.32 54.97
C SER E 8 -12.92 -9.40 56.02
N GLN E 9 -12.37 -8.99 57.18
CA GLN E 9 -11.84 -9.88 58.25
C GLN E 9 -12.39 -9.43 59.60
N GLU E 10 -12.85 -10.38 60.43
CA GLU E 10 -13.43 -10.12 61.77
C GLU E 10 -13.06 -11.27 62.73
N GLY E 11 -12.04 -11.04 63.56
CA GLY E 11 -11.56 -12.00 64.58
C GLY E 11 -10.94 -13.24 63.94
N THR E 12 -11.61 -14.40 64.07
CA THR E 12 -11.19 -15.70 63.50
C THR E 12 -11.66 -15.83 62.04
N ARG E 13 -12.84 -15.27 61.74
CA ARG E 13 -13.53 -15.41 60.42
C ARG E 13 -12.80 -14.58 59.36
N LEU E 14 -12.97 -14.96 58.09
CA LEU E 14 -12.50 -14.21 56.89
C LEU E 14 -13.55 -14.34 55.78
N ASN E 15 -14.17 -13.22 55.39
CA ASN E 15 -15.23 -13.15 54.37
C ASN E 15 -14.62 -12.77 53.01
N LEU E 16 -14.93 -13.55 51.97
CA LEU E 16 -14.67 -13.22 50.54
C LEU E 16 -15.97 -12.71 49.94
N ILE E 17 -15.93 -11.57 49.24
CA ILE E 17 -17.16 -10.83 48.79
C ILE E 17 -17.05 -10.52 47.29
N CYS E 18 -17.70 -11.34 46.46
CA CYS E 18 -18.03 -11.04 45.04
C CYS E 18 -19.20 -10.06 45.01
N THR E 19 -19.02 -8.91 44.37
CA THR E 19 -20.06 -7.86 44.19
C THR E 19 -20.35 -7.70 42.69
N VAL E 20 -21.63 -7.77 42.33
CA VAL E 20 -22.10 -7.80 40.91
C VAL E 20 -23.11 -6.66 40.69
N TRP E 21 -23.09 -6.09 39.49
CA TRP E 21 -23.99 -4.97 39.07
C TRP E 21 -24.73 -5.39 37.80
N HIS E 22 -26.04 -5.12 37.75
CA HIS E 22 -26.95 -5.54 36.65
C HIS E 22 -28.20 -4.65 36.64
N LYS E 23 -28.82 -4.50 35.46
CA LYS E 23 -30.12 -3.81 35.30
C LYS E 23 -31.16 -4.50 36.18
N LYS E 24 -31.83 -3.73 37.04
CA LYS E 24 -32.95 -4.23 37.90
C LYS E 24 -33.94 -5.00 37.03
N GLU E 25 -34.34 -6.21 37.47
CA GLU E 25 -35.46 -7.03 36.89
C GLU E 25 -35.04 -7.67 35.56
N GLU E 26 -33.73 -7.71 35.26
CA GLU E 26 -33.17 -8.48 34.11
C GLU E 26 -32.16 -9.49 34.65
N ALA E 27 -32.32 -9.87 35.93
CA ALA E 27 -31.40 -10.77 36.68
C ALA E 27 -31.96 -12.19 36.75
N GLU E 28 -33.18 -12.43 36.27
CA GLU E 28 -33.78 -13.80 36.27
C GLU E 28 -32.93 -14.68 35.36
N GLY E 29 -32.29 -15.72 35.94
CA GLY E 29 -31.36 -16.62 35.22
C GLY E 29 -29.92 -16.14 35.39
N PHE E 30 -29.71 -15.15 36.25
CA PHE E 30 -28.38 -14.58 36.58
C PHE E 30 -27.75 -15.39 37.71
N VAL E 31 -26.45 -15.71 37.58
CA VAL E 31 -25.66 -16.47 38.60
C VAL E 31 -24.33 -15.74 38.86
N VAL E 32 -24.07 -15.40 40.12
CA VAL E 32 -22.71 -15.06 40.65
C VAL E 32 -22.22 -16.27 41.47
N PHE E 33 -20.92 -16.56 41.42
CA PHE E 33 -20.30 -17.75 42.06
C PHE E 33 -18.80 -17.52 42.27
N LEU E 34 -18.21 -18.31 43.16
CA LEU E 34 -16.77 -18.25 43.55
C LEU E 34 -16.10 -19.60 43.24
N CYS E 35 -14.82 -19.57 42.87
CA CYS E 35 -14.01 -20.77 42.49
C CYS E 35 -12.66 -20.75 43.19
N LYS E 36 -12.31 -21.85 43.85
CA LYS E 36 -10.95 -22.10 44.42
C LYS E 36 -10.15 -22.95 43.42
N ASP E 37 -8.97 -22.46 43.03
CA ASP E 37 -7.98 -23.19 42.17
C ASP E 37 -8.69 -23.78 40.95
N ARG E 38 -9.34 -22.93 40.14
CA ARG E 38 -9.91 -23.28 38.81
C ARG E 38 -9.12 -22.52 37.73
N SER E 39 -8.35 -23.26 36.92
CA SER E 39 -7.50 -22.71 35.83
C SER E 39 -8.41 -22.27 34.66
N GLY E 40 -9.23 -21.25 34.88
CA GLY E 40 -10.24 -20.75 33.92
C GLY E 40 -11.30 -21.80 33.60
N ASP E 41 -11.40 -22.85 34.42
CA ASP E 41 -12.45 -23.91 34.33
C ASP E 41 -13.58 -23.54 35.31
N CYS E 42 -13.57 -22.29 35.80
CA CYS E 42 -14.51 -21.77 36.82
C CYS E 42 -15.94 -21.72 36.25
N SER E 43 -16.88 -22.36 36.95
CA SER E 43 -18.32 -22.44 36.57
C SER E 43 -19.14 -22.73 37.83
N PRO E 44 -20.48 -22.51 37.81
CA PRO E 44 -21.35 -22.93 38.91
C PRO E 44 -21.15 -24.41 39.30
N GLU E 45 -20.96 -25.28 38.30
CA GLU E 45 -20.77 -26.75 38.47
C GLU E 45 -19.47 -27.03 39.24
N THR E 46 -18.49 -26.12 39.15
CA THR E 46 -17.14 -26.24 39.76
C THR E 46 -16.90 -25.13 40.78
N SER E 47 -17.97 -24.43 41.19
CA SER E 47 -17.93 -23.35 42.21
C SER E 47 -17.76 -23.95 43.61
N LEU E 48 -17.34 -23.14 44.58
CA LEU E 48 -17.43 -23.45 46.03
C LEU E 48 -18.86 -23.16 46.50
N LYS E 49 -19.32 -21.94 46.23
CA LYS E 49 -20.69 -21.44 46.55
C LYS E 49 -21.19 -20.57 45.39
N GLN E 50 -22.51 -20.51 45.19
CA GLN E 50 -23.15 -19.69 44.14
C GLN E 50 -24.43 -19.04 44.68
N LEU E 51 -24.97 -18.09 43.92
CA LEU E 51 -26.26 -17.38 44.20
C LEU E 51 -26.98 -17.14 42.86
N ARG E 52 -27.89 -18.04 42.49
CA ARG E 52 -28.76 -17.83 41.31
C ARG E 52 -29.85 -16.83 41.69
N LEU E 53 -29.91 -15.70 40.98
CA LEU E 53 -30.82 -14.57 41.29
C LEU E 53 -32.20 -14.82 40.66
N LYS E 54 -33.22 -14.10 41.15
CA LYS E 54 -34.64 -14.28 40.74
C LYS E 54 -35.38 -12.94 40.82
N ARG E 55 -35.97 -12.52 39.70
CA ARG E 55 -36.89 -11.35 39.61
C ARG E 55 -37.57 -11.34 38.23
N ILE E 65 -30.01 -3.03 42.23
CA ILE E 65 -29.19 -3.17 40.99
C ILE E 65 -27.82 -3.78 41.32
N SER E 66 -27.33 -3.59 42.56
CA SER E 66 -26.11 -4.24 43.11
C SER E 66 -26.49 -5.58 43.77
N SER E 67 -25.82 -6.66 43.35
CA SER E 67 -25.92 -8.02 43.95
C SER E 67 -24.58 -8.37 44.62
N GLN E 68 -24.60 -9.32 45.56
CA GLN E 68 -23.42 -9.71 46.37
C GLN E 68 -23.45 -11.21 46.67
N LEU E 69 -22.29 -11.85 46.60
CA LEU E 69 -22.05 -13.23 47.13
C LEU E 69 -21.00 -13.14 48.24
N MET E 70 -21.24 -13.84 49.35
CA MET E 70 -20.35 -13.85 50.55
C MET E 70 -20.03 -15.30 50.91
N PHE E 71 -18.74 -15.66 50.85
CA PHE E 71 -18.20 -16.96 51.31
C PHE E 71 -17.29 -16.70 52.52
N THR E 72 -17.73 -17.16 53.70
CA THR E 72 -17.03 -16.96 55.00
C THR E 72 -16.18 -18.19 55.32
N ILE E 73 -14.89 -17.99 55.58
CA ILE E 73 -13.94 -19.02 56.10
C ILE E 73 -13.82 -18.81 57.62
N SER E 74 -14.43 -19.72 58.40
CA SER E 74 -14.58 -19.63 59.87
C SER E 74 -13.21 -19.72 60.57
N GLN E 75 -12.27 -20.48 60.01
CA GLN E 75 -10.93 -20.71 60.61
C GLN E 75 -9.83 -20.62 59.53
N VAL E 76 -8.68 -20.07 59.91
CA VAL E 76 -7.45 -19.93 59.06
C VAL E 76 -6.70 -21.27 59.10
N THR E 77 -6.71 -22.03 57.99
CA THR E 77 -6.10 -23.38 57.88
C THR E 77 -5.24 -23.48 56.62
N PRO E 78 -4.27 -24.42 56.57
CA PRO E 78 -3.45 -24.62 55.36
C PRO E 78 -4.20 -25.02 54.09
N LEU E 79 -5.22 -25.87 54.20
CA LEU E 79 -5.93 -26.47 53.03
C LEU E 79 -6.81 -25.43 52.33
N HIS E 80 -7.16 -24.33 53.02
CA HIS E 80 -7.94 -23.19 52.47
C HIS E 80 -7.04 -22.29 51.61
N SER E 81 -5.71 -22.46 51.70
CA SER E 81 -4.72 -21.75 50.85
C SER E 81 -4.95 -22.13 49.39
N GLY E 82 -4.91 -21.15 48.48
CA GLY E 82 -5.05 -21.37 47.03
C GLY E 82 -5.22 -20.08 46.25
N THR E 83 -5.91 -20.16 45.11
CA THR E 83 -6.20 -19.02 44.19
C THR E 83 -7.71 -18.98 43.91
N TYR E 84 -8.36 -17.87 44.24
CA TYR E 84 -9.84 -17.70 44.18
C TYR E 84 -10.19 -16.75 43.03
N GLN E 85 -11.42 -16.83 42.53
CA GLN E 85 -11.90 -15.99 41.39
C GLN E 85 -13.41 -15.75 41.52
N CYS E 86 -13.79 -14.47 41.57
CA CYS E 86 -15.21 -14.02 41.51
C CYS E 86 -15.67 -13.99 40.05
N CYS E 87 -16.69 -14.77 39.73
CA CYS E 87 -17.24 -14.90 38.35
C CYS E 87 -18.76 -14.74 38.40
N ALA E 88 -19.35 -14.22 37.32
CA ALA E 88 -20.81 -14.07 37.18
C ALA E 88 -21.27 -14.52 35.79
N ARG E 89 -22.47 -15.06 35.69
CA ARG E 89 -23.04 -15.50 34.41
C ARG E 89 -24.47 -14.97 34.27
N SER E 90 -24.74 -14.28 33.15
CA SER E 90 -26.07 -13.69 32.84
C SER E 90 -26.77 -14.54 31.78
N GLN E 91 -27.98 -15.00 32.09
CA GLN E 91 -28.79 -15.83 31.15
C GLN E 91 -29.29 -14.96 29.98
N LYS E 92 -30.10 -13.90 30.29
CA LYS E 92 -30.71 -12.96 29.25
C LYS E 92 -29.56 -12.41 28.33
N SER E 93 -28.49 -11.85 28.89
CA SER E 93 -27.39 -11.19 28.13
C SER E 93 -26.58 -12.28 27.42
N GLY E 94 -26.43 -13.48 28.06
CA GLY E 94 -25.53 -14.53 27.54
C GLY E 94 -24.07 -14.19 27.83
N ILE E 95 -23.83 -13.14 28.61
CA ILE E 95 -22.48 -12.60 28.95
C ILE E 95 -21.89 -13.35 30.17
N ARG E 96 -20.63 -13.78 30.09
CA ARG E 96 -19.83 -14.22 31.26
C ARG E 96 -19.21 -12.99 31.95
N LEU E 97 -18.64 -13.16 33.13
CA LEU E 97 -17.96 -12.05 33.84
C LEU E 97 -16.82 -12.65 34.68
N GLN E 98 -15.60 -12.16 34.45
CA GLN E 98 -14.36 -12.73 35.06
C GLN E 98 -13.73 -11.68 35.98
N GLY E 99 -13.81 -11.91 37.30
CA GLY E 99 -13.13 -11.09 38.31
C GLY E 99 -11.67 -11.44 38.40
N HIS E 100 -10.88 -10.57 39.04
CA HIS E 100 -9.39 -10.71 39.17
C HIS E 100 -9.05 -11.98 39.97
N PHE E 101 -7.91 -12.59 39.63
CA PHE E 101 -7.32 -13.74 40.36
C PHE E 101 -6.61 -13.22 41.62
N PHE E 102 -7.19 -13.49 42.80
CA PHE E 102 -6.60 -13.21 44.13
C PHE E 102 -6.23 -14.55 44.80
N SER E 103 -5.33 -14.49 45.77
CA SER E 103 -4.71 -15.69 46.42
C SER E 103 -4.76 -15.58 47.94
N ILE E 104 -5.13 -16.69 48.60
CA ILE E 104 -4.89 -16.94 50.05
C ILE E 104 -3.62 -17.80 50.16
N LEU E 105 -2.70 -17.44 51.06
CA LEU E 105 -1.47 -18.23 51.32
C LEU E 105 -1.24 -18.35 52.83
N PHE E 106 -1.11 -19.58 53.33
CA PHE E 106 -0.93 -19.94 54.75
C PHE E 106 0.55 -20.22 55.02
N THR E 107 1.02 -19.93 56.24
CA THR E 107 2.39 -20.22 56.73
C THR E 107 2.33 -20.62 58.22
N GLY E 110 0.59 -20.99 61.32
CA GLY E 110 1.33 -19.84 61.87
C GLY E 110 0.65 -18.52 61.56
N ASN E 111 0.66 -18.11 60.28
CA ASN E 111 0.13 -16.81 59.79
C ASN E 111 -0.52 -17.00 58.42
N TYR E 112 -1.00 -15.92 57.79
CA TYR E 112 -1.59 -15.92 56.43
C TYR E 112 -1.64 -14.49 55.87
N THR E 113 -1.63 -14.37 54.53
CA THR E 113 -1.68 -13.09 53.78
C THR E 113 -2.52 -13.24 52.51
N VAL E 114 -3.23 -12.17 52.11
CA VAL E 114 -4.03 -12.10 50.85
C VAL E 114 -3.27 -11.22 49.84
N THR E 115 -3.33 -11.58 48.55
CA THR E 115 -2.64 -10.87 47.43
C THR E 115 -3.49 -10.94 46.15
N GLY E 116 -3.27 -9.99 45.24
CA GLY E 116 -3.98 -9.89 43.95
C GLY E 116 -4.91 -8.69 43.90
N PRO E 140 3.39 -8.01 33.14
CA PRO E 140 4.56 -8.44 33.86
C PRO E 140 4.36 -9.86 34.40
N SER E 141 4.71 -10.86 33.60
CA SER E 141 4.62 -12.31 33.92
C SER E 141 3.22 -12.65 34.42
N CYS E 142 2.18 -12.32 33.64
CA CYS E 142 0.76 -12.67 33.93
C CYS E 142 0.61 -14.20 33.85
N LYS E 143 -0.33 -14.75 34.63
CA LYS E 143 -0.58 -16.22 34.72
C LYS E 143 -1.16 -16.72 33.40
N GLU E 144 -1.13 -18.04 33.18
CA GLU E 144 -1.62 -18.71 31.94
C GLU E 144 -3.05 -18.25 31.64
N ASP E 145 -3.88 -18.11 32.68
CA ASP E 145 -5.32 -17.78 32.55
C ASP E 145 -5.53 -16.29 32.29
N GLU E 146 -4.46 -15.48 32.38
CA GLU E 146 -4.51 -14.00 32.18
C GLU E 146 -3.84 -13.60 30.87
N TYR E 147 -4.14 -12.40 30.38
CA TYR E 147 -3.48 -11.74 29.22
C TYR E 147 -3.16 -10.29 29.61
N PRO E 148 -1.96 -9.77 29.27
CA PRO E 148 -1.55 -8.44 29.71
C PRO E 148 -2.30 -7.29 29.01
N VAL E 149 -2.64 -6.25 29.76
CA VAL E 149 -3.31 -5.01 29.26
C VAL E 149 -2.67 -3.81 29.97
N GLY E 150 -1.75 -3.11 29.29
CA GLY E 150 -0.92 -2.05 29.88
C GLY E 150 -0.02 -2.59 30.98
N SER E 151 -0.04 -1.95 32.15
CA SER E 151 0.67 -2.40 33.38
C SER E 151 -0.02 -3.64 33.96
N GLU E 152 -1.36 -3.64 33.93
CA GLU E 152 -2.23 -4.66 34.58
C GLU E 152 -2.19 -5.98 33.81
N CYS E 153 -2.66 -7.06 34.46
CA CYS E 153 -3.08 -8.35 33.83
C CYS E 153 -4.60 -8.44 33.91
N CYS E 154 -5.22 -9.25 33.04
CA CYS E 154 -6.69 -9.42 32.95
C CYS E 154 -7.06 -10.90 32.84
N PRO E 155 -8.12 -11.36 33.54
CA PRO E 155 -8.62 -12.72 33.35
C PRO E 155 -9.04 -12.99 31.91
N LYS E 156 -8.61 -14.10 31.32
CA LYS E 156 -9.00 -14.51 29.94
C LYS E 156 -10.48 -14.89 29.92
N CYS E 157 -11.11 -14.76 28.75
CA CYS E 157 -12.50 -15.19 28.49
C CYS E 157 -12.52 -16.67 28.10
N SER E 158 -13.66 -17.33 28.31
CA SER E 158 -13.89 -18.78 28.06
C SER E 158 -13.78 -19.07 26.57
N PRO E 159 -13.50 -20.33 26.16
CA PRO E 159 -13.66 -20.73 24.77
C PRO E 159 -15.06 -20.36 24.25
N GLY E 160 -15.11 -19.82 23.02
CA GLY E 160 -16.35 -19.33 22.37
C GLY E 160 -16.84 -18.04 22.98
N TYR E 161 -15.95 -17.30 23.66
CA TYR E 161 -16.25 -16.00 24.32
C TYR E 161 -15.16 -14.98 24.00
N ARG E 162 -15.60 -13.83 23.47
CA ARG E 162 -14.78 -12.68 22.99
C ARG E 162 -14.69 -11.65 24.11
N VAL E 163 -13.61 -10.87 24.16
CA VAL E 163 -13.43 -9.76 25.15
C VAL E 163 -14.31 -8.58 24.70
N LYS E 164 -15.39 -8.34 25.43
CA LYS E 164 -16.33 -7.20 25.22
C LYS E 164 -15.74 -5.94 25.85
N GLU E 165 -15.15 -6.08 27.04
CA GLU E 165 -14.53 -4.99 27.84
C GLU E 165 -13.28 -5.54 28.53
N ALA E 166 -12.17 -4.78 28.50
CA ALA E 166 -10.91 -5.11 29.21
C ALA E 166 -11.15 -4.97 30.72
N CYS E 167 -10.42 -5.75 31.53
CA CYS E 167 -10.49 -5.69 33.01
C CYS E 167 -9.90 -4.34 33.46
N GLY E 168 -10.63 -3.60 34.28
CA GLY E 168 -10.14 -2.38 34.96
C GLY E 168 -9.26 -2.76 36.13
N GLU E 169 -8.68 -1.77 36.82
CA GLU E 169 -7.90 -2.00 38.06
C GLU E 169 -8.82 -2.64 39.10
N LEU E 170 -10.01 -2.06 39.29
CA LEU E 170 -11.08 -2.57 40.20
C LEU E 170 -12.04 -3.48 39.42
N THR E 171 -12.29 -3.18 38.15
CA THR E 171 -13.28 -3.89 37.29
C THR E 171 -12.68 -5.22 36.85
N GLY E 172 -13.53 -6.16 36.42
CA GLY E 172 -13.11 -7.49 35.90
C GLY E 172 -13.28 -7.57 34.40
N THR E 173 -12.80 -8.66 33.79
CA THR E 173 -12.94 -8.93 32.33
C THR E 173 -14.41 -9.22 32.02
N VAL E 174 -14.97 -8.54 31.02
CA VAL E 174 -16.32 -8.81 30.47
C VAL E 174 -16.14 -9.64 29.19
N CYS E 175 -17.02 -10.62 28.98
CA CYS E 175 -16.95 -11.60 27.86
C CYS E 175 -18.33 -11.75 27.21
N GLU E 176 -18.42 -11.35 25.94
CA GLU E 176 -19.56 -11.64 25.03
C GLU E 176 -19.34 -13.01 24.40
N PRO E 177 -20.42 -13.77 24.07
CA PRO E 177 -20.27 -15.01 23.30
C PRO E 177 -19.99 -14.64 21.84
N CYS E 178 -19.26 -15.50 21.12
CA CYS E 178 -18.98 -15.33 19.66
C CYS E 178 -20.30 -15.23 18.90
N PRO E 179 -20.41 -14.36 17.87
CA PRO E 179 -21.55 -14.40 16.96
C PRO E 179 -21.52 -15.67 16.09
N PRO E 180 -22.64 -16.03 15.42
CA PRO E 180 -22.64 -17.16 14.49
C PRO E 180 -21.71 -16.89 13.29
N GLY E 181 -21.09 -17.95 12.76
CA GLY E 181 -20.11 -17.85 11.66
C GLY E 181 -18.70 -17.56 12.17
N THR E 182 -18.54 -17.43 13.50
CA THR E 182 -17.24 -17.18 14.19
C THR E 182 -17.05 -18.20 15.32
N TYR E 183 -15.85 -18.23 15.91
CA TYR E 183 -15.47 -19.19 16.97
C TYR E 183 -14.19 -18.72 17.67
N ILE E 184 -13.99 -19.15 18.92
CA ILE E 184 -12.70 -19.10 19.67
C ILE E 184 -12.56 -20.43 20.42
N ALA E 185 -11.47 -21.16 20.21
CA ALA E 185 -11.31 -22.57 20.64
C ALA E 185 -10.40 -22.69 21.89
N HIS E 186 -10.17 -21.58 22.61
CA HIS E 186 -9.24 -21.54 23.76
C HIS E 186 -9.63 -20.44 24.76
N LEU E 187 -9.22 -20.61 26.02
CA LEU E 187 -9.05 -19.49 26.99
C LEU E 187 -8.27 -18.38 26.27
N ASN E 188 -8.87 -17.21 26.10
CA ASN E 188 -8.36 -16.16 25.18
C ASN E 188 -8.56 -14.77 25.77
N GLY E 189 -7.80 -13.79 25.27
CA GLY E 189 -7.99 -12.34 25.50
C GLY E 189 -8.22 -11.61 24.18
N LEU E 190 -8.82 -12.30 23.19
CA LEU E 190 -9.08 -11.76 21.84
C LEU E 190 -10.28 -10.79 21.90
N SER E 191 -10.16 -9.66 21.21
CA SER E 191 -11.22 -8.62 21.10
C SER E 191 -12.20 -8.95 19.98
N LYS E 192 -11.88 -9.92 19.12
CA LYS E 192 -12.74 -10.36 17.99
C LYS E 192 -12.57 -11.87 17.78
N CYS E 193 -13.67 -12.58 17.51
CA CYS E 193 -13.72 -14.05 17.30
C CYS E 193 -13.11 -14.41 15.94
N LEU E 194 -12.44 -15.57 15.85
CA LEU E 194 -11.90 -16.14 14.59
C LEU E 194 -13.07 -16.44 13.65
N GLN E 195 -12.91 -16.21 12.34
CA GLN E 195 -13.96 -16.47 11.34
C GLN E 195 -13.95 -17.96 10.95
N CYS E 196 -15.12 -18.61 11.00
CA CYS E 196 -15.31 -20.04 10.64
C CYS E 196 -14.88 -20.29 9.19
N GLN E 197 -14.19 -21.41 8.95
CA GLN E 197 -13.74 -21.84 7.59
C GLN E 197 -14.96 -22.34 6.82
N MET E 198 -15.12 -21.89 5.57
CA MET E 198 -16.12 -22.40 4.60
C MET E 198 -15.50 -23.56 3.83
N CYS E 199 -16.19 -24.70 3.76
CA CYS E 199 -15.81 -25.86 2.91
C CYS E 199 -16.35 -25.64 1.49
N ASP E 200 -15.45 -25.54 0.52
CA ASP E 200 -15.78 -25.14 -0.88
C ASP E 200 -16.44 -26.31 -1.59
N PRO E 201 -17.74 -26.20 -1.99
CA PRO E 201 -18.40 -27.27 -2.74
C PRO E 201 -17.67 -27.58 -4.05
N ALA E 202 -17.19 -26.54 -4.74
CA ALA E 202 -16.53 -26.60 -6.06
C ALA E 202 -15.20 -27.36 -6.00
N MET E 203 -14.65 -27.57 -4.80
CA MET E 203 -13.45 -28.43 -4.57
C MET E 203 -13.90 -29.82 -4.12
N GLY E 204 -15.19 -30.15 -4.30
CA GLY E 204 -15.80 -31.44 -3.90
C GLY E 204 -15.76 -31.65 -2.39
N LEU E 205 -15.77 -30.56 -1.60
CA LEU E 205 -15.70 -30.60 -0.13
C LEU E 205 -17.08 -30.33 0.48
N ARG E 206 -17.30 -30.82 1.71
CA ARG E 206 -18.48 -30.49 2.56
C ARG E 206 -18.03 -30.45 4.02
N ALA E 207 -18.82 -29.80 4.89
CA ALA E 207 -18.54 -29.67 6.34
C ALA E 207 -18.68 -31.04 7.01
N SER E 208 -17.55 -31.70 7.29
CA SER E 208 -17.49 -32.97 8.06
C SER E 208 -18.01 -32.68 9.47
N ARG E 209 -17.40 -31.68 10.13
CA ARG E 209 -17.90 -31.09 11.40
C ARG E 209 -18.38 -29.66 11.11
N ASN E 210 -19.53 -29.27 11.67
CA ASN E 210 -20.10 -27.91 11.54
C ASN E 210 -19.35 -26.97 12.50
N CYS E 211 -19.31 -25.67 12.19
CA CYS E 211 -18.64 -24.66 13.05
C CYS E 211 -19.51 -24.38 14.27
N SER E 212 -19.12 -24.96 15.42
CA SER E 212 -19.60 -24.57 16.77
C SER E 212 -18.85 -23.31 17.20
N ARG E 213 -19.31 -22.62 18.24
CA ARG E 213 -18.71 -21.34 18.71
C ARG E 213 -17.38 -21.62 19.44
N THR E 214 -17.03 -22.89 19.67
CA THR E 214 -15.77 -23.30 20.37
C THR E 214 -14.87 -24.14 19.45
N GLU E 215 -15.35 -24.52 18.26
CA GLU E 215 -14.57 -25.32 17.27
C GLU E 215 -14.75 -24.72 15.88
N ASN E 216 -13.67 -24.64 15.10
CA ASN E 216 -13.73 -24.34 13.64
C ASN E 216 -14.46 -25.50 12.96
N ALA E 217 -15.08 -25.25 11.80
CA ALA E 217 -15.61 -26.30 10.91
C ALA E 217 -14.44 -27.09 10.32
N VAL E 218 -14.69 -28.31 9.86
CA VAL E 218 -13.67 -29.19 9.20
C VAL E 218 -14.26 -29.71 7.89
N CYS E 219 -13.41 -29.87 6.87
CA CYS E 219 -13.80 -30.22 5.48
C CYS E 219 -13.40 -31.66 5.14
N GLY E 220 -14.39 -32.48 4.81
CA GLY E 220 -14.24 -33.80 4.16
C GLY E 220 -14.83 -33.77 2.77
N CYS E 221 -14.80 -34.90 2.06
CA CYS E 221 -15.26 -34.99 0.64
C CYS E 221 -16.79 -35.10 0.58
N SER E 222 -17.37 -34.62 -0.53
CA SER E 222 -18.84 -34.51 -0.79
C SER E 222 -19.45 -35.90 -0.97
N PRO E 223 -20.80 -36.03 -0.98
CA PRO E 223 -21.45 -37.31 -1.27
C PRO E 223 -21.01 -37.90 -2.62
N GLY E 224 -20.24 -39.00 -2.57
CA GLY E 224 -19.79 -39.76 -3.75
C GLY E 224 -18.47 -39.24 -4.31
N HIS E 225 -17.74 -38.44 -3.53
CA HIS E 225 -16.40 -37.92 -3.87
C HIS E 225 -15.33 -38.58 -2.98
N PHE E 226 -14.06 -38.50 -3.41
CA PHE E 226 -12.88 -39.11 -2.74
C PHE E 226 -11.77 -38.07 -2.61
N CYS E 227 -10.69 -38.39 -1.89
CA CYS E 227 -9.57 -37.45 -1.62
C CYS E 227 -8.54 -37.49 -2.76
N ILE E 228 -8.13 -36.31 -3.24
CA ILE E 228 -7.08 -36.13 -4.29
C ILE E 228 -5.73 -35.90 -3.59
N VAL E 229 -5.66 -34.85 -2.77
CA VAL E 229 -4.47 -34.50 -1.93
C VAL E 229 -4.98 -34.13 -0.53
N GLN E 230 -4.10 -34.16 0.47
CA GLN E 230 -4.40 -33.71 1.86
C GLN E 230 -3.42 -32.60 2.26
N ASP E 231 -3.93 -31.55 2.91
CA ASP E 231 -3.15 -30.36 3.36
C ASP E 231 -2.62 -30.63 4.77
N GLY E 232 -3.37 -31.39 5.57
CA GLY E 232 -2.95 -31.88 6.90
C GLY E 232 -3.47 -33.28 7.14
N ASP E 233 -4.34 -33.45 8.16
CA ASP E 233 -5.14 -34.69 8.39
C ASP E 233 -6.58 -34.41 7.94
N HIS E 234 -6.73 -33.66 6.84
CA HIS E 234 -8.01 -33.26 6.20
C HIS E 234 -7.81 -33.20 4.68
N CYS E 235 -8.87 -33.39 3.91
CA CYS E 235 -8.82 -33.38 2.42
C CYS E 235 -8.85 -31.95 1.90
N ALA E 236 -7.86 -31.59 1.07
CA ALA E 236 -7.70 -30.25 0.44
C ALA E 236 -8.69 -30.10 -0.73
N ALA E 237 -8.82 -31.15 -1.55
CA ALA E 237 -9.66 -31.16 -2.78
C ALA E 237 -10.12 -32.59 -3.08
N CYS E 238 -11.34 -32.74 -3.61
CA CYS E 238 -12.00 -34.04 -3.91
C CYS E 238 -12.54 -34.05 -5.34
N ARG E 239 -12.46 -35.20 -6.01
CA ARG E 239 -13.09 -35.52 -7.32
C ARG E 239 -14.10 -36.66 -7.11
N ALA E 240 -15.05 -36.82 -8.02
CA ALA E 240 -16.07 -37.90 -8.01
C ALA E 240 -15.65 -39.00 -8.99
N ILE F 1 -16.01 33.79 -16.46
CA ILE F 1 -17.26 33.59 -17.26
C ILE F 1 -18.38 33.11 -16.32
N ASN F 2 -19.43 33.92 -16.15
CA ASN F 2 -20.53 33.69 -15.19
C ASN F 2 -21.84 33.45 -15.96
N ILE F 3 -22.77 32.73 -15.33
CA ILE F 3 -24.15 32.47 -15.84
C ILE F 3 -25.12 32.65 -14.66
N THR F 4 -26.25 33.32 -14.89
CA THR F 4 -27.32 33.53 -13.87
C THR F 4 -28.68 33.30 -14.52
N SER F 5 -29.70 33.06 -13.69
CA SER F 5 -31.11 32.82 -14.10
C SER F 5 -32.05 33.56 -13.15
N SER F 6 -32.79 34.54 -13.66
CA SER F 6 -33.78 35.35 -12.90
C SER F 6 -35.08 35.46 -13.69
N ALA F 7 -36.22 35.55 -12.99
CA ALA F 7 -37.58 35.56 -13.56
C ALA F 7 -38.39 36.70 -12.94
N SER F 8 -38.43 37.86 -13.61
CA SER F 8 -39.18 39.08 -13.20
C SER F 8 -40.60 39.02 -13.76
N GLN F 9 -41.56 39.62 -13.05
CA GLN F 9 -43.02 39.52 -13.32
C GLN F 9 -43.65 40.92 -13.31
N GLU F 10 -44.50 41.23 -14.29
CA GLU F 10 -45.18 42.54 -14.44
C GLU F 10 -46.60 42.34 -15.00
N GLY F 11 -47.61 42.37 -14.12
CA GLY F 11 -49.03 42.22 -14.47
C GLY F 11 -49.35 40.82 -14.99
N THR F 12 -49.66 40.72 -16.29
CA THR F 12 -49.99 39.44 -17.00
C THR F 12 -48.69 38.76 -17.46
N ARG F 13 -47.69 39.55 -17.85
CA ARG F 13 -46.42 39.06 -18.46
C ARG F 13 -45.54 38.39 -17.39
N LEU F 14 -44.63 37.50 -17.84
CA LEU F 14 -43.58 36.86 -17.02
C LEU F 14 -42.30 36.74 -17.85
N ASN F 15 -41.24 37.43 -17.44
CA ASN F 15 -39.93 37.46 -18.16
C ASN F 15 -38.98 36.44 -17.51
N LEU F 16 -38.37 35.57 -18.33
CA LEU F 16 -37.22 34.70 -17.95
C LEU F 16 -35.94 35.36 -18.49
N ILE F 17 -34.92 35.48 -17.64
CA ILE F 17 -33.69 36.29 -17.93
C ILE F 17 -32.44 35.45 -17.69
N CYS F 18 -31.87 34.91 -18.77
CA CYS F 18 -30.48 34.37 -18.82
C CYS F 18 -29.51 35.54 -18.88
N THR F 19 -28.57 35.62 -17.92
CA THR F 19 -27.52 36.67 -17.85
C THR F 19 -26.15 35.99 -17.99
N VAL F 20 -25.32 36.49 -18.92
CA VAL F 20 -24.02 35.87 -19.31
C VAL F 20 -22.91 36.91 -19.14
N TRP F 21 -21.72 36.45 -18.75
CA TRP F 21 -20.51 37.28 -18.55
C TRP F 21 -19.37 36.72 -19.41
N HIS F 22 -18.63 37.61 -20.09
CA HIS F 22 -17.56 37.24 -21.05
C HIS F 22 -16.60 38.43 -21.24
N LYS F 23 -15.35 38.13 -21.59
CA LYS F 23 -14.33 39.16 -21.96
C LYS F 23 -14.86 39.95 -23.15
N LYS F 24 -14.92 41.29 -23.01
CA LYS F 24 -15.31 42.24 -24.08
C LYS F 24 -14.51 41.88 -25.35
N GLU F 25 -15.21 41.78 -26.49
CA GLU F 25 -14.63 41.66 -27.86
C GLU F 25 -14.04 40.25 -28.11
N GLU F 26 -14.39 39.25 -27.30
CA GLU F 26 -14.06 37.81 -27.59
C GLU F 26 -15.38 37.01 -27.64
N ALA F 27 -16.49 37.73 -27.89
CA ALA F 27 -17.89 37.24 -27.90
C ALA F 27 -18.34 36.92 -29.33
N GLU F 28 -17.53 37.23 -30.35
CA GLU F 28 -17.87 36.88 -31.75
C GLU F 28 -17.94 35.36 -31.87
N GLY F 29 -19.13 34.85 -32.19
CA GLY F 29 -19.41 33.40 -32.28
C GLY F 29 -20.00 32.87 -30.99
N PHE F 30 -20.29 33.77 -30.05
CA PHE F 30 -20.87 33.47 -28.71
C PHE F 30 -22.40 33.39 -28.82
N VAL F 31 -23.01 32.39 -28.18
CA VAL F 31 -24.49 32.16 -28.17
C VAL F 31 -24.95 31.91 -26.73
N VAL F 32 -25.90 32.71 -26.25
CA VAL F 32 -26.75 32.38 -25.08
C VAL F 32 -28.14 31.99 -25.60
N PHE F 33 -28.80 31.04 -24.95
CA PHE F 33 -30.09 30.45 -25.40
C PHE F 33 -30.82 29.80 -24.22
N LEU F 34 -32.14 29.61 -24.38
CA LEU F 34 -33.05 29.02 -23.35
C LEU F 34 -33.68 27.75 -23.91
N CYS F 35 -33.95 26.77 -23.05
CA CYS F 35 -34.53 25.44 -23.41
C CYS F 35 -35.68 25.09 -22.46
N LYS F 36 -36.83 24.72 -23.01
CA LYS F 36 -37.99 24.16 -22.25
C LYS F 36 -37.94 22.63 -22.38
N ASP F 37 -37.94 21.93 -21.23
CA ASP F 37 -38.03 20.45 -21.14
C ASP F 37 -37.02 19.81 -22.10
N ARG F 38 -35.73 20.12 -21.94
CA ARG F 38 -34.59 19.44 -22.62
C ARG F 38 -33.77 18.69 -21.59
N SER F 39 -33.79 17.35 -21.63
CA SER F 39 -33.07 16.45 -20.70
C SER F 39 -31.57 16.48 -21.01
N GLY F 40 -30.94 17.63 -20.81
CA GLY F 40 -29.52 17.88 -21.16
C GLY F 40 -29.26 17.76 -22.65
N ASP F 41 -30.32 17.80 -23.48
CA ASP F 41 -30.24 17.83 -24.96
C ASP F 41 -30.33 19.30 -25.42
N CYS F 42 -30.18 20.24 -24.48
CA CYS F 42 -30.33 21.70 -24.69
C CYS F 42 -29.23 22.21 -25.62
N SER F 43 -29.62 22.89 -26.71
CA SER F 43 -28.72 23.47 -27.73
C SER F 43 -29.47 24.58 -28.46
N PRO F 44 -28.77 25.49 -29.19
CA PRO F 44 -29.45 26.47 -30.05
C PRO F 44 -30.48 25.83 -30.98
N GLU F 45 -30.17 24.66 -31.55
CA GLU F 45 -31.04 23.92 -32.51
C GLU F 45 -32.33 23.48 -31.81
N THR F 46 -32.29 23.31 -30.48
CA THR F 46 -33.42 22.82 -29.64
C THR F 46 -33.82 23.88 -28.62
N SER F 47 -33.39 25.13 -28.80
CA SER F 47 -33.71 26.29 -27.93
C SER F 47 -35.15 26.75 -28.21
N LEU F 48 -35.74 27.52 -27.29
CA LEU F 48 -36.97 28.32 -27.55
C LEU F 48 -36.57 29.61 -28.28
N LYS F 49 -35.62 30.33 -27.69
CA LYS F 49 -35.06 31.59 -28.24
C LYS F 49 -33.55 31.61 -27.97
N GLN F 50 -32.79 32.30 -28.82
CA GLN F 50 -31.32 32.44 -28.68
C GLN F 50 -30.90 33.87 -29.04
N LEU F 51 -29.64 34.21 -28.74
CA LEU F 51 -28.99 35.50 -29.06
C LEU F 51 -27.53 35.22 -29.42
N ARG F 52 -27.22 35.08 -30.71
CA ARG F 52 -25.82 34.96 -31.20
C ARG F 52 -25.21 36.37 -31.17
N LEU F 53 -24.12 36.54 -30.40
CA LEU F 53 -23.47 37.87 -30.17
C LEU F 53 -22.47 38.15 -31.30
N LYS F 54 -22.07 39.41 -31.44
CA LYS F 54 -21.20 39.91 -32.53
C LYS F 54 -20.34 41.08 -32.04
N ARG F 55 -19.01 40.95 -32.16
CA ARG F 55 -18.03 42.03 -31.92
C ARG F 55 -16.66 41.59 -32.43
N ILE F 65 -19.46 43.82 -21.04
CA ILE F 65 -18.91 42.48 -20.65
C ILE F 65 -20.06 41.56 -20.17
N SER F 66 -21.14 42.14 -19.66
CA SER F 66 -22.40 41.43 -19.29
C SER F 66 -23.35 41.38 -20.50
N SER F 67 -23.78 40.17 -20.88
CA SER F 67 -24.82 39.91 -21.92
C SER F 67 -26.08 39.36 -21.26
N GLN F 68 -27.22 39.48 -21.95
CA GLN F 68 -28.55 39.08 -21.41
C GLN F 68 -29.43 38.52 -22.53
N LEU F 69 -30.18 37.46 -22.23
CA LEU F 69 -31.30 36.95 -23.05
C LEU F 69 -32.59 37.06 -22.25
N MET F 70 -33.66 37.54 -22.89
CA MET F 70 -34.99 37.76 -22.26
C MET F 70 -36.05 37.05 -23.09
N PHE F 71 -36.74 36.06 -22.49
CA PHE F 71 -37.91 35.37 -23.08
C PHE F 71 -39.14 35.72 -22.23
N THR F 72 -40.08 36.48 -22.82
CA THR F 72 -41.31 36.97 -22.15
C THR F 72 -42.48 36.04 -22.48
N ILE F 73 -43.16 35.54 -21.45
CA ILE F 73 -44.44 34.78 -21.56
C ILE F 73 -45.59 35.76 -21.29
N SER F 74 -46.32 36.14 -22.33
CA SER F 74 -47.38 37.20 -22.31
C SER F 74 -48.56 36.77 -21.43
N GLN F 75 -48.87 35.48 -21.38
CA GLN F 75 -50.04 34.93 -20.63
C GLN F 75 -49.65 33.66 -19.87
N VAL F 76 -50.22 33.50 -18.67
CA VAL F 76 -50.03 32.31 -17.78
C VAL F 76 -50.99 31.20 -18.26
N THR F 77 -50.44 30.14 -18.87
CA THR F 77 -51.23 29.01 -19.47
C THR F 77 -50.66 27.67 -18.99
N PRO F 78 -51.46 26.57 -19.04
CA PRO F 78 -50.98 25.23 -18.68
C PRO F 78 -49.82 24.69 -19.53
N LEU F 79 -49.83 24.92 -20.85
CA LEU F 79 -48.87 24.31 -21.80
C LEU F 79 -47.47 24.94 -21.65
N HIS F 80 -47.38 26.13 -21.05
CA HIS F 80 -46.09 26.83 -20.75
C HIS F 80 -45.42 26.21 -19.51
N SER F 81 -46.15 25.40 -18.74
CA SER F 81 -45.62 24.64 -17.57
C SER F 81 -44.55 23.66 -18.06
N GLY F 82 -43.42 23.58 -17.35
CA GLY F 82 -42.32 22.64 -17.65
C GLY F 82 -41.07 22.92 -16.84
N THR F 83 -39.91 22.58 -17.40
CA THR F 83 -38.56 22.76 -16.79
C THR F 83 -37.66 23.50 -17.78
N TYR F 84 -37.13 24.66 -17.40
CA TYR F 84 -36.36 25.58 -18.26
C TYR F 84 -34.90 25.56 -17.83
N GLN F 85 -33.99 25.94 -18.74
CA GLN F 85 -32.52 25.95 -18.50
C GLN F 85 -31.86 27.06 -19.32
N CYS F 86 -31.14 27.96 -18.64
CA CYS F 86 -30.27 29.00 -19.25
C CYS F 86 -28.93 28.36 -19.60
N CYS F 87 -28.54 28.38 -20.87
CA CYS F 87 -27.29 27.75 -21.36
C CYS F 87 -26.58 28.66 -22.36
N ALA F 88 -25.25 28.73 -22.29
CA ALA F 88 -24.43 29.58 -23.20
C ALA F 88 -23.32 28.72 -23.81
N ARG F 89 -22.90 29.09 -25.03
CA ARG F 89 -21.83 28.38 -25.80
C ARG F 89 -20.87 29.45 -26.33
N SER F 90 -19.57 29.29 -26.10
CA SER F 90 -18.52 30.21 -26.63
C SER F 90 -17.76 29.52 -27.76
N GLN F 91 -17.69 30.17 -28.93
CA GLN F 91 -17.04 29.60 -30.14
C GLN F 91 -15.52 29.59 -29.94
N LYS F 92 -14.95 30.77 -29.76
CA LYS F 92 -13.49 30.98 -29.61
C LYS F 92 -12.95 30.05 -28.52
N SER F 93 -13.64 29.99 -27.37
CA SER F 93 -13.23 29.20 -26.17
C SER F 93 -13.50 27.70 -26.40
N GLY F 94 -14.62 27.39 -27.07
CA GLY F 94 -15.14 26.02 -27.19
C GLY F 94 -15.88 25.61 -25.93
N ILE F 95 -15.93 26.51 -24.94
CA ILE F 95 -16.50 26.24 -23.58
C ILE F 95 -18.03 26.29 -23.69
N ARG F 96 -18.70 25.31 -23.08
CA ARG F 96 -20.18 25.31 -22.86
C ARG F 96 -20.45 25.92 -21.49
N LEU F 97 -21.71 26.26 -21.22
CA LEU F 97 -22.14 26.84 -19.93
C LEU F 97 -23.55 26.38 -19.60
N GLN F 98 -23.74 25.78 -18.42
CA GLN F 98 -25.02 25.14 -17.99
C GLN F 98 -25.56 25.86 -16.75
N GLY F 99 -26.66 26.61 -16.92
CA GLY F 99 -27.39 27.24 -15.81
C GLY F 99 -28.27 26.25 -15.08
N HIS F 100 -28.74 26.62 -13.89
CA HIS F 100 -29.57 25.76 -12.99
C HIS F 100 -30.89 25.41 -13.67
N PHE F 101 -31.41 24.21 -13.36
CA PHE F 101 -32.75 23.73 -13.78
C PHE F 101 -33.82 24.35 -12.88
N PHE F 102 -34.59 25.29 -13.42
CA PHE F 102 -35.78 25.91 -12.77
C PHE F 102 -37.04 25.43 -13.48
N SER F 103 -38.19 25.53 -12.80
CA SER F 103 -39.49 24.96 -13.24
C SER F 103 -40.61 26.00 -13.15
N ILE F 104 -41.45 26.06 -14.18
CA ILE F 104 -42.81 26.69 -14.16
C ILE F 104 -43.83 25.58 -13.95
N LEU F 105 -44.78 25.77 -13.03
CA LEU F 105 -45.88 24.80 -12.77
C LEU F 105 -47.21 25.54 -12.65
N PHE F 106 -48.20 25.14 -13.46
CA PHE F 106 -49.56 25.75 -13.56
C PHE F 106 -50.54 24.89 -12.75
N THR F 107 -51.57 25.53 -12.18
CA THR F 107 -52.70 24.86 -11.46
C THR F 107 -54.00 25.63 -11.74
N GLY F 110 -55.81 28.40 -13.06
CA GLY F 110 -56.07 28.89 -11.70
C GLY F 110 -54.95 29.78 -11.19
N ASN F 111 -53.78 29.18 -10.93
CA ASN F 111 -52.58 29.86 -10.34
C ASN F 111 -51.30 29.28 -10.97
N TYR F 112 -50.13 29.73 -10.51
CA TYR F 112 -48.80 29.23 -10.96
C TYR F 112 -47.71 29.63 -9.96
N THR F 113 -46.62 28.87 -9.92
CA THR F 113 -45.44 29.07 -9.02
C THR F 113 -44.14 28.70 -9.74
N VAL F 114 -43.05 29.42 -9.45
CA VAL F 114 -41.67 29.14 -9.98
C VAL F 114 -40.84 28.51 -8.86
N THR F 115 -39.96 27.57 -9.21
CA THR F 115 -39.08 26.82 -8.26
C THR F 115 -37.74 26.48 -8.92
N GLY F 116 -36.70 26.28 -8.11
CA GLY F 116 -35.33 25.94 -8.56
C GLY F 116 -34.36 27.08 -8.29
N PRO F 140 -29.32 15.79 -2.60
CA PRO F 140 -30.59 15.32 -2.10
C PRO F 140 -31.56 15.07 -3.27
N SER F 141 -31.51 13.85 -3.80
CA SER F 141 -32.37 13.36 -4.92
C SER F 141 -32.29 14.33 -6.10
N CYS F 142 -31.07 14.62 -6.59
CA CYS F 142 -30.83 15.47 -7.79
C CYS F 142 -31.38 14.74 -9.02
N LYS F 143 -31.81 15.49 -10.04
CA LYS F 143 -32.42 14.95 -11.28
C LYS F 143 -31.34 14.22 -12.09
N GLU F 144 -31.76 13.39 -13.05
CA GLU F 144 -30.88 12.57 -13.92
C GLU F 144 -29.81 13.46 -14.56
N ASP F 145 -30.19 14.67 -14.98
CA ASP F 145 -29.31 15.63 -15.71
C ASP F 145 -28.35 16.34 -14.75
N GLU F 146 -28.53 16.18 -13.43
CA GLU F 146 -27.71 16.84 -12.39
C GLU F 146 -26.82 15.81 -11.69
N TYR F 147 -25.77 16.29 -11.02
CA TYR F 147 -24.86 15.52 -10.12
C TYR F 147 -24.67 16.31 -8.82
N PRO F 148 -24.71 15.66 -7.64
CA PRO F 148 -24.66 16.37 -6.36
C PRO F 148 -23.27 16.96 -6.05
N VAL F 149 -23.25 18.17 -5.48
CA VAL F 149 -22.01 18.88 -5.03
C VAL F 149 -22.32 19.55 -3.69
N GLY F 150 -21.89 18.93 -2.58
CA GLY F 150 -22.25 19.34 -1.21
C GLY F 150 -23.74 19.22 -0.97
N SER F 151 -24.37 20.29 -0.47
CA SER F 151 -25.84 20.41 -0.27
C SER F 151 -26.54 20.56 -1.63
N GLU F 152 -25.92 21.33 -2.53
CA GLU F 152 -26.49 21.73 -3.86
C GLU F 152 -26.49 20.55 -4.83
N CYS F 153 -27.26 20.68 -5.92
CA CYS F 153 -27.14 19.89 -7.17
C CYS F 153 -26.58 20.79 -8.28
N CYS F 154 -25.98 20.21 -9.31
CA CYS F 154 -25.33 20.94 -10.44
C CYS F 154 -25.75 20.34 -11.77
N PRO F 155 -26.02 21.16 -12.82
CA PRO F 155 -26.25 20.65 -14.16
C PRO F 155 -25.04 19.87 -14.70
N LYS F 156 -25.27 18.67 -15.25
CA LYS F 156 -24.21 17.83 -15.86
C LYS F 156 -23.70 18.51 -17.14
N CYS F 157 -22.46 18.22 -17.51
CA CYS F 157 -21.82 18.68 -18.78
C CYS F 157 -22.17 17.70 -19.91
N SER F 158 -22.10 18.18 -21.15
CA SER F 158 -22.44 17.44 -22.39
C SER F 158 -21.46 16.28 -22.58
N PRO F 159 -21.83 15.21 -23.32
CA PRO F 159 -20.84 14.22 -23.77
C PRO F 159 -19.65 14.92 -24.45
N GLY F 160 -18.44 14.46 -24.13
CA GLY F 160 -17.17 15.04 -24.63
C GLY F 160 -16.85 16.36 -23.96
N TYR F 161 -17.45 16.62 -22.80
CA TYR F 161 -17.26 17.87 -22.02
C TYR F 161 -17.05 17.54 -20.53
N ARG F 162 -15.94 18.06 -20.02
CA ARG F 162 -15.41 17.86 -18.64
C ARG F 162 -15.88 19.03 -17.76
N VAL F 163 -16.04 18.81 -16.45
CA VAL F 163 -16.41 19.90 -15.49
C VAL F 163 -15.16 20.74 -15.22
N LYS F 164 -15.14 21.97 -15.75
CA LYS F 164 -14.06 22.98 -15.54
C LYS F 164 -14.26 23.66 -14.19
N GLU F 165 -15.52 23.98 -13.86
CA GLU F 165 -15.92 24.66 -12.61
C GLU F 165 -17.26 24.07 -12.14
N ALA F 166 -17.39 23.79 -10.84
CA ALA F 166 -18.65 23.30 -10.21
C ALA F 166 -19.66 24.45 -10.21
N CYS F 167 -20.96 24.13 -10.28
CA CYS F 167 -22.06 25.13 -10.22
C CYS F 167 -22.08 25.74 -8.81
N GLY F 168 -22.07 27.07 -8.73
CA GLY F 168 -22.28 27.82 -7.47
C GLY F 168 -23.75 27.83 -7.11
N GLU F 169 -24.12 28.41 -5.97
CA GLU F 169 -25.54 28.61 -5.57
C GLU F 169 -26.22 29.49 -6.63
N LEU F 170 -25.58 30.60 -6.98
CA LEU F 170 -26.05 31.55 -8.05
C LEU F 170 -25.41 31.18 -9.40
N THR F 171 -24.17 30.67 -9.39
CA THR F 171 -23.38 30.36 -10.61
C THR F 171 -23.88 29.04 -11.21
N GLY F 172 -23.58 28.81 -12.49
CA GLY F 172 -23.95 27.58 -13.20
C GLY F 172 -22.74 26.69 -13.44
N THR F 173 -22.94 25.48 -13.95
CA THR F 173 -21.86 24.52 -14.30
C THR F 173 -21.10 25.05 -15.52
N VAL F 174 -19.77 25.10 -15.42
CA VAL F 174 -18.87 25.42 -16.57
C VAL F 174 -18.31 24.09 -17.11
N CYS F 175 -18.18 23.97 -18.43
CA CYS F 175 -17.81 22.72 -19.13
C CYS F 175 -16.73 23.00 -20.19
N GLU F 176 -15.52 22.46 -19.98
CA GLU F 176 -14.43 22.47 -20.98
C GLU F 176 -14.59 21.25 -21.89
N PRO F 177 -14.20 21.32 -23.18
CA PRO F 177 -14.21 20.13 -24.04
C PRO F 177 -13.04 19.23 -23.61
N CYS F 178 -13.18 17.92 -23.79
CA CYS F 178 -12.11 16.92 -23.54
C CYS F 178 -10.88 17.28 -24.38
N PRO F 179 -9.65 17.15 -23.84
CA PRO F 179 -8.45 17.24 -24.67
C PRO F 179 -8.34 16.04 -25.61
N PRO F 180 -7.50 16.11 -26.66
CA PRO F 180 -7.27 14.96 -27.53
C PRO F 180 -6.63 13.80 -26.75
N GLY F 181 -6.94 12.56 -27.14
CA GLY F 181 -6.49 11.34 -26.45
C GLY F 181 -7.36 10.98 -25.26
N THR F 182 -8.42 11.77 -25.01
CA THR F 182 -9.42 11.55 -23.94
C THR F 182 -10.84 11.62 -24.52
N TYR F 183 -11.84 11.28 -23.71
CA TYR F 183 -13.28 11.22 -24.12
C TYR F 183 -14.18 11.13 -22.89
N ILE F 184 -15.42 11.58 -23.03
CA ILE F 184 -16.56 11.29 -22.10
C ILE F 184 -17.79 11.00 -22.96
N ALA F 185 -18.44 9.85 -22.78
CA ALA F 185 -19.47 9.31 -23.68
C ALA F 185 -20.89 9.49 -23.13
N HIS F 186 -21.08 10.38 -22.15
CA HIS F 186 -22.37 10.57 -21.44
C HIS F 186 -22.49 11.99 -20.87
N LEU F 187 -23.74 12.43 -20.66
CA LEU F 187 -24.06 13.52 -19.69
C LEU F 187 -23.36 13.16 -18.38
N ASN F 188 -22.44 14.01 -17.91
CA ASN F 188 -21.50 13.66 -16.81
C ASN F 188 -21.26 14.86 -15.89
N GLY F 189 -20.77 14.58 -14.69
CA GLY F 189 -20.22 15.56 -13.73
C GLY F 189 -18.78 15.24 -13.38
N LEU F 190 -18.05 14.64 -14.33
CA LEU F 190 -16.62 14.23 -14.16
C LEU F 190 -15.72 15.47 -14.24
N SER F 191 -14.73 15.55 -13.35
CA SER F 191 -13.73 16.65 -13.29
C SER F 191 -12.56 16.36 -14.25
N LYS F 192 -12.46 15.13 -14.76
CA LYS F 192 -11.40 14.72 -15.73
C LYS F 192 -11.97 13.72 -16.75
N CYS F 193 -11.57 13.85 -18.01
CA CYS F 193 -12.05 12.99 -19.14
C CYS F 193 -11.40 11.60 -19.05
N LEU F 194 -12.14 10.57 -19.46
CA LEU F 194 -11.65 9.17 -19.55
C LEU F 194 -10.53 9.12 -20.59
N GLN F 195 -9.49 8.32 -20.37
CA GLN F 195 -8.34 8.19 -21.31
C GLN F 195 -8.72 7.19 -22.41
N CYS F 196 -8.51 7.58 -23.68
CA CYS F 196 -8.77 6.74 -24.88
C CYS F 196 -7.95 5.46 -24.82
N GLN F 197 -8.55 4.33 -25.20
CA GLN F 197 -7.87 3.00 -25.27
C GLN F 197 -6.95 2.98 -26.48
N MET F 198 -5.71 2.53 -26.30
CA MET F 198 -4.74 2.26 -27.40
C MET F 198 -4.92 0.82 -27.86
N CYS F 199 -5.06 0.60 -29.17
CA CYS F 199 -5.08 -0.74 -29.80
C CYS F 199 -3.63 -1.19 -30.05
N ASP F 200 -3.22 -2.28 -29.40
CA ASP F 200 -1.81 -2.76 -29.38
C ASP F 200 -1.47 -3.40 -30.71
N PRO F 201 -0.54 -2.82 -31.52
CA PRO F 201 -0.13 -3.44 -32.77
C PRO F 201 0.43 -4.85 -32.57
N ALA F 202 1.21 -5.03 -31.49
CA ALA F 202 1.94 -6.27 -31.14
C ALA F 202 0.96 -7.42 -30.80
N MET F 203 -0.32 -7.10 -30.54
CA MET F 203 -1.40 -8.10 -30.37
C MET F 203 -2.17 -8.26 -31.69
N GLY F 204 -1.61 -7.78 -32.80
CA GLY F 204 -2.21 -7.82 -34.15
C GLY F 204 -3.50 -7.02 -34.23
N LEU F 205 -3.62 -5.97 -33.41
CA LEU F 205 -4.83 -5.10 -33.33
C LEU F 205 -4.58 -3.78 -34.05
N ARG F 206 -5.65 -3.13 -34.50
CA ARG F 206 -5.65 -1.74 -35.03
C ARG F 206 -6.98 -1.08 -34.64
N ALA F 207 -7.01 0.26 -34.66
CA ALA F 207 -8.21 1.07 -34.33
C ALA F 207 -9.28 0.88 -35.41
N SER F 208 -10.28 0.04 -35.13
CA SER F 208 -11.48 -0.15 -36.00
C SER F 208 -12.24 1.18 -36.08
N ARG F 209 -12.57 1.74 -34.92
CA ARG F 209 -13.08 3.13 -34.76
C ARG F 209 -12.01 3.96 -34.03
N ASN F 210 -11.76 5.18 -34.51
CA ASN F 210 -10.80 6.14 -33.88
C ASN F 210 -11.47 6.77 -32.65
N CYS F 211 -10.68 7.22 -31.68
CA CYS F 211 -11.20 7.87 -30.44
C CYS F 211 -11.66 9.29 -30.78
N SER F 212 -12.98 9.49 -30.89
CA SER F 212 -13.65 10.81 -30.89
C SER F 212 -13.77 11.27 -29.44
N ARG F 213 -14.06 12.55 -29.21
CA ARG F 213 -14.15 13.13 -27.84
C ARG F 213 -15.42 12.66 -27.13
N THR F 214 -16.32 11.94 -27.81
CA THR F 214 -17.60 11.41 -27.25
C THR F 214 -17.65 9.88 -27.30
N GLU F 215 -16.68 9.23 -27.95
CA GLU F 215 -16.60 7.75 -28.05
C GLU F 215 -15.17 7.29 -27.77
N ASN F 216 -15.00 6.20 -27.02
CA ASN F 216 -13.71 5.49 -26.89
C ASN F 216 -13.37 4.90 -28.26
N ALA F 217 -12.08 4.67 -28.54
CA ALA F 217 -11.61 3.90 -29.72
C ALA F 217 -12.02 2.44 -29.53
N VAL F 218 -12.08 1.67 -30.62
CA VAL F 218 -12.40 0.22 -30.60
C VAL F 218 -11.34 -0.52 -31.43
N CYS F 219 -10.99 -1.74 -31.00
CA CYS F 219 -9.87 -2.54 -31.58
C CYS F 219 -10.42 -3.73 -32.39
N GLY F 220 -10.08 -3.77 -33.68
CA GLY F 220 -10.23 -4.93 -34.56
C GLY F 220 -8.86 -5.45 -34.99
N CYS F 221 -8.82 -6.49 -35.83
CA CYS F 221 -7.56 -7.16 -36.27
C CYS F 221 -6.88 -6.34 -37.38
N SER F 222 -5.55 -6.42 -37.44
CA SER F 222 -4.66 -5.66 -38.36
C SER F 222 -4.85 -6.12 -39.80
N PRO F 223 -4.31 -5.40 -40.81
CA PRO F 223 -4.35 -5.84 -42.20
C PRO F 223 -3.75 -7.24 -42.38
N GLY F 224 -4.62 -8.22 -42.68
CA GLY F 224 -4.22 -9.62 -42.98
C GLY F 224 -4.13 -10.49 -41.73
N HIS F 225 -4.72 -10.04 -40.62
CA HIS F 225 -4.79 -10.77 -39.32
C HIS F 225 -6.25 -11.19 -39.07
N PHE F 226 -6.46 -12.16 -38.17
CA PHE F 226 -7.77 -12.76 -37.81
C PHE F 226 -7.90 -12.79 -36.28
N CYS F 227 -9.09 -13.16 -35.78
CA CYS F 227 -9.38 -13.17 -34.32
C CYS F 227 -8.97 -14.50 -33.68
N ILE F 228 -8.25 -14.45 -32.55
CA ILE F 228 -7.82 -15.64 -31.76
C ILE F 228 -8.86 -15.89 -30.66
N VAL F 229 -9.08 -14.89 -29.81
CA VAL F 229 -10.11 -14.89 -28.73
C VAL F 229 -10.82 -13.53 -28.75
N GLN F 230 -12.01 -13.44 -28.15
CA GLN F 230 -12.76 -12.17 -27.97
C GLN F 230 -13.01 -11.94 -26.48
N ASP F 231 -12.82 -10.70 -26.02
CA ASP F 231 -13.00 -10.26 -24.60
C ASP F 231 -14.46 -9.84 -24.39
N GLY F 232 -15.09 -9.28 -25.42
CA GLY F 232 -16.53 -8.96 -25.46
C GLY F 232 -17.11 -9.21 -26.85
N ASP F 233 -17.58 -8.15 -27.51
CA ASP F 233 -17.95 -8.16 -28.96
C ASP F 233 -16.84 -7.44 -29.73
N HIS F 234 -15.58 -7.66 -29.32
CA HIS F 234 -14.35 -7.09 -29.91
C HIS F 234 -13.22 -8.12 -29.78
N CYS F 235 -12.23 -8.07 -30.67
CA CYS F 235 -11.09 -9.03 -30.68
C CYS F 235 -10.04 -8.60 -29.65
N ALA F 236 -9.67 -9.53 -28.76
CA ALA F 236 -8.65 -9.33 -27.69
C ALA F 236 -7.25 -9.39 -28.27
N ALA F 237 -7.01 -10.36 -29.17
CA ALA F 237 -5.69 -10.63 -29.78
C ALA F 237 -5.87 -11.27 -31.17
N CYS F 238 -4.98 -10.95 -32.11
CA CYS F 238 -5.01 -11.43 -33.52
C CYS F 238 -3.63 -11.99 -33.92
N ARG F 239 -3.64 -13.05 -34.74
CA ARG F 239 -2.44 -13.63 -35.42
C ARG F 239 -2.64 -13.45 -36.92
N ALA F 240 -1.58 -13.54 -37.74
CA ALA F 240 -1.64 -13.51 -39.23
C ALA F 240 -1.50 -14.93 -39.78
#